data_6P8N
#
_entry.id   6P8N
#
_cell.length_a   60.879
_cell.length_b   92.406
_cell.length_c   223.498
_cell.angle_alpha   90.00
_cell.angle_beta   90.00
_cell.angle_gamma   90.00
#
_symmetry.space_group_name_H-M   'P 2 21 21'
#
loop_
_entity.id
_entity.type
_entity.pdbx_description
1 polymer 'Env outer domain eOD-GT8'
2 polymer 'P-p1f1 Heavy Chain'
3 polymer 'P-p1f1 Light Chain'
4 non-polymer 2-acetamido-2-deoxy-beta-D-glucopyranose
5 non-polymer 'AMMONIUM ION'
6 non-polymer 1,2-ETHANEDIOL
7 water water
#
loop_
_entity_poly.entity_id
_entity_poly.type
_entity_poly.pdbx_seq_one_letter_code
_entity_poly.pdbx_strand_id
1 'polypeptide(L)'
;DTITLPCRPAPPPHCSSNITGLILTRQGGYSNDNTVIFRPSGGDWRDIARCQIAGTVVSTQLFLNGSLAEEEVVIRSEDW
RDNAKSICVQLNTSVEINCTGAGHCNISRAKWNNTLKQIASKLREQYGNKTIIFKPSSGGDPEFVNHSFNCGGEFFYCDS
TQLFNSTWFNSTGSGSGHHHHHH
;
C,A
2 'polypeptide(L)'
;QVQLVQSGAEVKKPGASVKVSCKASGYTFTGYYMNWVRQAPGQGLEWMGWINPNSGGTNYAQKFQGRVTMTRDTSISTAY
MELSRLRSDDTAVYYCARGKNSDYNWDFQHWGQGTLVTVSSASTKGPSVFPLAPSSKSTSGGTAALGCLVKDYFPEPVTV
SWNSGALTSGVHTFPAVLQSSGLYSLSSVVTVPSSSLGTQTYICNVNHKPSNTKVDKRVEPKSCDK
;
H,B
3 'polypeptide(L)'
;DIVMSQSPSSLAVSVGEKVTMSCKSSQSLLYSSNQKNYLAWYQQKPGQSPKLLIYWASTRESGVPDRFTGSGSGTDFTLT
ISSVKAEDLAVYYCQQYEMFGGGTKLEIKRTVAAPSVFIFPPSDEQLKSGTASVVCLLNNFYPREAKVQWKVDNALQSGN
SQESVTEQDSKDSTYSLSSTLTLSKADYEKHKVYACEVTHQGLSSPVTKSFNRGEC
;
L,D
#
# COMPACT_ATOMS: atom_id res chain seq x y z
N ILE A 3 -2.35 28.13 -3.87
CA ILE A 3 -2.22 26.71 -3.55
C ILE A 3 -0.96 26.50 -2.71
N THR A 4 -1.12 25.85 -1.56
CA THR A 4 0.01 25.57 -0.69
C THR A 4 0.86 24.45 -1.29
N LEU A 5 2.16 24.70 -1.42
CA LEU A 5 3.10 23.73 -1.96
C LEU A 5 4.16 23.43 -0.91
N PRO A 6 4.00 22.36 -0.11
CA PRO A 6 5.00 22.08 0.92
C PRO A 6 6.39 21.90 0.33
N CYS A 7 7.40 22.27 1.12
CA CYS A 7 8.79 22.21 0.71
C CYS A 7 9.63 21.68 1.86
N ARG A 8 10.62 20.85 1.54
CA ARG A 8 11.44 20.22 2.57
C ARG A 8 12.31 21.28 3.24
N PRO A 9 13.27 21.90 2.54
CA PRO A 9 14.02 23.00 3.15
C PRO A 9 13.22 24.30 3.07
N ALA A 10 12.88 24.85 4.24
CA ALA A 10 12.07 26.05 4.34
C ALA A 10 12.56 27.14 3.38
N PRO A 11 11.89 27.35 2.26
CA PRO A 11 12.34 28.39 1.32
C PRO A 11 12.19 29.77 1.93
N PRO A 12 13.24 30.60 1.90
CA PRO A 12 13.15 31.92 2.51
C PRO A 12 12.29 32.84 1.66
N PRO A 13 11.91 34.01 2.19
CA PRO A 13 11.11 34.94 1.39
C PRO A 13 11.80 35.40 0.12
N HIS A 14 13.14 35.52 0.14
CA HIS A 14 13.85 35.96 -1.06
C HIS A 14 13.57 35.05 -2.24
N CYS A 15 13.26 33.78 -1.99
CA CYS A 15 12.98 32.81 -3.06
C CYS A 15 11.48 32.77 -3.27
N SER A 16 10.99 33.64 -4.16
CA SER A 16 9.58 33.78 -4.46
C SER A 16 9.46 34.28 -5.90
N SER A 17 9.87 33.42 -6.84
CA SER A 17 9.98 33.82 -8.23
C SER A 17 8.64 33.76 -8.94
N ASN A 18 8.54 34.52 -10.03
CA ASN A 18 7.40 34.42 -10.93
C ASN A 18 7.54 33.17 -11.80
N ILE A 19 6.40 32.65 -12.22
CA ILE A 19 6.35 31.45 -13.05
C ILE A 19 6.24 31.88 -14.50
N THR A 20 7.25 31.55 -15.29
CA THR A 20 7.33 32.00 -16.68
C THR A 20 7.45 30.82 -17.64
N GLY A 21 6.54 29.85 -17.54
CA GLY A 21 6.52 28.70 -18.39
C GLY A 21 6.54 27.41 -17.59
N LEU A 22 6.60 26.30 -18.33
CA LEU A 22 6.61 24.98 -17.73
C LEU A 22 7.15 23.98 -18.75
N ILE A 23 7.27 22.72 -18.33
CA ILE A 23 7.72 21.65 -19.21
C ILE A 23 7.03 20.37 -18.80
N LEU A 24 6.27 19.77 -19.71
CA LEU A 24 5.45 18.61 -19.42
C LEU A 24 5.84 17.44 -20.30
N THR A 25 5.25 16.28 -20.00
CA THR A 25 5.42 15.06 -20.78
C THR A 25 4.07 14.41 -20.98
N ARG A 26 3.92 13.77 -22.13
CA ARG A 26 2.68 13.10 -22.49
C ARG A 26 2.54 11.79 -21.73
N GLN A 27 1.31 11.29 -21.69
CA GLN A 27 0.98 10.01 -21.06
C GLN A 27 0.85 8.97 -22.16
N GLY A 28 1.87 8.12 -22.29
CA GLY A 28 1.84 7.09 -23.31
C GLY A 28 0.65 6.17 -23.17
N GLY A 29 0.51 5.29 -24.16
CA GLY A 29 -0.58 4.35 -24.20
C GLY A 29 -1.64 4.73 -25.21
N TYR A 30 -2.74 3.98 -25.16
CA TYR A 30 -3.85 4.20 -26.10
C TYR A 30 -5.16 3.83 -25.39
N SER A 31 -5.67 4.77 -24.60
CA SER A 31 -7.00 4.66 -24.01
C SER A 31 -7.96 5.45 -24.92
N ASN A 32 -8.85 4.73 -25.60
CA ASN A 32 -9.74 5.38 -26.56
C ASN A 32 -10.61 6.45 -25.90
N ASP A 33 -10.75 6.41 -24.57
CA ASP A 33 -11.47 7.47 -23.86
C ASP A 33 -10.85 8.82 -24.21
N ASN A 34 -11.71 9.77 -24.55
CA ASN A 34 -11.27 11.09 -25.02
C ASN A 34 -10.63 11.84 -23.85
N THR A 35 -9.40 11.44 -23.54
CA THR A 35 -8.62 12.05 -22.47
C THR A 35 -7.16 12.09 -22.88
N VAL A 36 -6.51 13.23 -22.65
CA VAL A 36 -5.09 13.41 -22.94
C VAL A 36 -4.42 13.83 -21.64
N ILE A 37 -3.70 12.92 -21.01
CA ILE A 37 -3.09 13.17 -19.71
C ILE A 37 -1.70 13.75 -19.91
N PHE A 38 -1.40 14.84 -19.20
CA PHE A 38 -0.08 15.46 -19.20
C PHE A 38 0.44 15.49 -17.77
N ARG A 39 1.73 15.21 -17.61
CA ARG A 39 2.37 15.19 -16.30
C ARG A 39 3.59 16.09 -16.33
N PRO A 40 4.10 16.49 -15.17
CA PRO A 40 5.37 17.21 -15.16
C PRO A 40 6.48 16.37 -15.78
N SER A 41 7.42 17.06 -16.42
CA SER A 41 8.42 16.38 -17.24
C SER A 41 9.08 15.24 -16.48
N GLY A 42 9.54 14.25 -17.24
CA GLY A 42 10.25 13.12 -16.67
C GLY A 42 11.64 12.95 -17.25
N GLY A 43 11.98 13.76 -18.24
CA GLY A 43 13.29 13.70 -18.85
C GLY A 43 14.37 14.27 -17.95
N ASP A 44 15.61 14.15 -18.42
CA ASP A 44 16.76 14.63 -17.69
C ASP A 44 16.92 16.14 -17.92
N TRP A 45 18.01 16.71 -17.39
CA TRP A 45 18.25 18.14 -17.58
C TRP A 45 18.35 18.51 -19.05
N ARG A 46 18.69 17.56 -19.93
CA ARG A 46 18.74 17.86 -21.36
C ARG A 46 17.37 18.27 -21.88
N ASP A 47 16.31 17.61 -21.39
CA ASP A 47 14.96 17.96 -21.83
C ASP A 47 14.62 19.40 -21.47
N ILE A 48 15.02 19.85 -20.29
CA ILE A 48 14.72 21.22 -19.87
C ILE A 48 15.61 22.21 -20.61
N ALA A 49 16.86 21.83 -20.89
CA ALA A 49 17.75 22.73 -21.62
C ALA A 49 17.32 22.88 -23.07
N ARG A 50 16.70 21.86 -23.65
CA ARG A 50 16.23 21.95 -25.03
C ARG A 50 15.11 22.98 -25.21
N CYS A 51 14.51 23.45 -24.12
CA CYS A 51 13.45 24.45 -24.23
C CYS A 51 13.99 25.85 -24.52
N GLN A 52 15.25 26.11 -24.16
CA GLN A 52 15.91 27.39 -24.42
C GLN A 52 15.30 28.54 -23.63
N ILE A 53 14.56 28.25 -22.56
CA ILE A 53 14.04 29.29 -21.68
C ILE A 53 15.03 29.48 -20.54
N ALA A 54 16.26 29.86 -20.87
CA ALA A 54 17.27 30.08 -19.85
C ALA A 54 16.88 31.24 -18.96
N GLY A 55 16.76 30.98 -17.66
CA GLY A 55 16.38 31.99 -16.70
C GLY A 55 17.46 32.17 -15.64
N THR A 56 17.24 33.18 -14.78
CA THR A 56 18.15 33.44 -13.67
C THR A 56 18.06 32.36 -12.60
N VAL A 57 17.20 31.38 -12.78
CA VAL A 57 16.92 30.37 -11.76
C VAL A 57 16.96 29.01 -12.44
N VAL A 58 17.76 28.10 -11.91
CA VAL A 58 17.81 26.72 -12.38
C VAL A 58 16.75 25.95 -11.60
N SER A 59 15.67 25.54 -12.26
CA SER A 59 14.56 24.87 -11.60
C SER A 59 14.01 23.73 -12.46
N THR A 60 13.45 22.73 -11.79
CA THR A 60 12.76 21.62 -12.42
C THR A 60 11.25 21.87 -12.40
N GLN A 61 10.48 20.91 -12.92
CA GLN A 61 9.02 21.03 -12.98
C GLN A 61 8.68 22.32 -13.74
N LEU A 62 8.41 23.45 -13.07
CA LEU A 62 7.98 24.68 -13.73
C LEU A 62 9.08 25.75 -13.76
N PHE A 63 9.09 26.57 -14.82
CA PHE A 63 10.12 27.60 -15.00
C PHE A 63 9.88 28.81 -14.08
N LEU A 64 10.97 29.46 -13.67
CA LEU A 64 10.91 30.66 -12.84
C LEU A 64 11.85 31.71 -13.41
N ASN A 65 11.54 32.99 -13.16
CA ASN A 65 12.39 34.12 -13.53
C ASN A 65 13.12 33.90 -14.85
N GLY A 66 12.36 33.45 -15.85
CA GLY A 66 12.93 33.20 -17.16
C GLY A 66 12.77 34.39 -18.09
N SER A 67 12.20 34.13 -19.26
CA SER A 67 11.78 35.18 -20.20
C SER A 67 10.39 34.82 -20.71
N LEU A 68 9.40 35.67 -20.45
CA LEU A 68 8.02 35.32 -20.77
C LEU A 68 7.77 35.39 -22.28
N ALA A 69 6.50 35.23 -22.66
CA ALA A 69 6.05 35.17 -24.04
C ALA A 69 5.72 36.56 -24.57
N GLU A 70 5.80 36.70 -25.89
CA GLU A 70 5.51 37.98 -26.53
C GLU A 70 4.05 38.35 -26.37
N GLU A 71 3.13 37.52 -26.89
CA GLU A 71 1.72 37.82 -26.84
C GLU A 71 1.03 36.77 -26.00
N GLU A 72 0.62 35.62 -26.54
CA GLU A 72 -0.08 34.58 -25.86
C GLU A 72 0.89 33.45 -25.52
N VAL A 73 0.35 32.27 -25.21
CA VAL A 73 1.18 31.13 -24.84
C VAL A 73 1.73 30.48 -26.10
N VAL A 74 3.01 30.15 -26.09
CA VAL A 74 3.68 29.47 -27.19
C VAL A 74 4.20 28.14 -26.67
N ILE A 75 3.82 27.05 -27.34
CA ILE A 75 4.21 25.70 -26.95
C ILE A 75 4.90 25.06 -28.15
N ARG A 76 6.17 24.70 -27.99
CA ARG A 76 6.97 24.08 -29.03
C ARG A 76 7.54 22.77 -28.51
N SER A 77 7.22 21.67 -29.19
CA SER A 77 7.72 20.35 -28.84
C SER A 77 8.50 19.76 -30.01
N GLU A 78 9.65 19.15 -29.71
CA GLU A 78 10.48 18.57 -30.76
C GLU A 78 9.72 17.53 -31.58
N ASP A 79 8.64 16.97 -31.03
CA ASP A 79 7.81 16.02 -31.76
C ASP A 79 6.56 15.74 -30.96
N TRP A 80 5.39 16.12 -31.50
CA TRP A 80 4.15 16.03 -30.72
C TRP A 80 3.68 14.58 -30.59
N ARG A 81 3.64 13.84 -31.70
CA ARG A 81 3.20 12.46 -31.64
C ARG A 81 4.08 11.64 -30.71
N ASP A 82 5.36 11.99 -30.60
CA ASP A 82 6.29 11.30 -29.72
C ASP A 82 6.06 11.78 -28.28
N ASN A 83 5.75 10.85 -27.39
CA ASN A 83 5.53 11.18 -25.98
C ASN A 83 6.82 11.19 -25.17
N ALA A 84 7.91 10.64 -25.71
CA ALA A 84 9.17 10.66 -24.99
C ALA A 84 9.77 12.06 -24.95
N LYS A 85 9.64 12.81 -26.04
CA LYS A 85 10.14 14.18 -26.09
C LYS A 85 9.18 15.10 -25.36
N SER A 86 9.71 15.94 -24.48
CA SER A 86 8.88 16.79 -23.64
C SER A 86 8.32 17.96 -24.43
N ILE A 87 7.31 18.61 -23.84
CA ILE A 87 6.65 19.77 -24.43
C ILE A 87 6.92 20.97 -23.54
N CYS A 88 7.55 22.00 -24.11
CA CYS A 88 7.84 23.23 -23.39
C CYS A 88 6.63 24.16 -23.46
N VAL A 89 6.60 25.14 -22.55
CA VAL A 89 5.50 26.10 -22.49
C VAL A 89 6.03 27.43 -21.98
N GLN A 90 5.68 28.51 -22.68
CA GLN A 90 5.86 29.87 -22.20
C GLN A 90 4.49 30.49 -21.95
N LEU A 91 4.34 31.17 -20.83
CA LEU A 91 3.07 31.77 -20.44
C LEU A 91 3.04 33.25 -20.80
N ASN A 92 1.82 33.76 -21.03
CA ASN A 92 1.66 35.18 -21.31
C ASN A 92 1.87 36.01 -20.05
N THR A 93 1.10 35.70 -18.99
CA THR A 93 1.24 36.35 -17.70
C THR A 93 1.69 35.33 -16.67
N SER A 94 2.58 35.76 -15.76
CA SER A 94 3.17 34.85 -14.80
C SER A 94 2.27 34.68 -13.59
N VAL A 95 2.30 33.48 -13.02
CA VAL A 95 1.60 33.15 -11.78
C VAL A 95 2.62 33.23 -10.66
N GLU A 96 2.69 34.38 -9.99
CA GLU A 96 3.67 34.58 -8.93
C GLU A 96 3.56 33.48 -7.89
N ILE A 97 4.72 32.97 -7.47
CA ILE A 97 4.81 31.92 -6.45
C ILE A 97 5.63 32.48 -5.30
N ASN A 98 4.97 32.76 -4.18
CA ASN A 98 5.62 33.36 -3.01
C ASN A 98 5.62 32.35 -1.88
N CYS A 99 6.81 32.04 -1.37
CA CYS A 99 6.95 31.15 -0.22
C CYS A 99 6.88 31.95 1.06
N THR A 100 6.11 31.43 2.03
CA THR A 100 5.84 32.16 3.26
C THR A 100 7.09 32.34 4.12
N GLY A 101 8.16 31.61 3.84
CA GLY A 101 9.35 31.68 4.66
C GLY A 101 9.50 30.45 5.53
N ALA A 102 8.37 29.93 6.00
CA ALA A 102 8.37 28.67 6.75
C ALA A 102 8.34 27.50 5.77
N GLY A 103 7.69 26.40 6.15
CA GLY A 103 7.64 25.23 5.30
C GLY A 103 6.92 25.45 3.98
N HIS A 104 5.62 25.71 4.05
CA HIS A 104 4.80 25.80 2.84
C HIS A 104 5.32 26.88 1.90
N CYS A 105 4.96 26.73 0.63
CA CYS A 105 5.14 27.78 -0.38
C CYS A 105 3.81 27.91 -1.13
N ASN A 106 3.16 29.07 -0.99
CA ASN A 106 1.82 29.27 -1.47
C ASN A 106 1.79 30.06 -2.77
N ILE A 107 0.82 29.73 -3.63
CA ILE A 107 0.55 30.49 -4.84
C ILE A 107 -0.95 30.78 -4.91
N SER A 108 -1.39 31.36 -6.01
CA SER A 108 -2.81 31.67 -6.16
C SER A 108 -3.65 30.39 -6.10
N ARG A 109 -4.81 30.50 -5.46
CA ARG A 109 -5.68 29.33 -5.32
C ARG A 109 -6.44 29.03 -6.61
N ALA A 110 -6.84 30.07 -7.35
CA ALA A 110 -7.70 29.93 -8.51
C ALA A 110 -7.04 30.34 -9.82
N LYS A 111 -6.21 31.39 -9.82
CA LYS A 111 -5.55 31.81 -11.05
C LYS A 111 -4.78 30.65 -11.68
N TRP A 112 -4.26 29.74 -10.87
CA TRP A 112 -3.57 28.59 -11.43
C TRP A 112 -4.51 27.73 -12.25
N ASN A 113 -5.77 27.59 -11.81
CA ASN A 113 -6.75 26.86 -12.60
C ASN A 113 -7.02 27.58 -13.92
N ASN A 114 -7.00 28.91 -13.91
CA ASN A 114 -7.21 29.67 -15.14
C ASN A 114 -6.06 29.43 -16.12
N THR A 115 -4.82 29.54 -15.64
CA THR A 115 -3.67 29.26 -16.51
C THR A 115 -3.68 27.81 -16.99
N LEU A 116 -4.14 26.89 -16.14
CA LEU A 116 -4.24 25.49 -16.54
C LEU A 116 -5.24 25.32 -17.67
N LYS A 117 -6.39 26.00 -17.57
CA LYS A 117 -7.37 25.93 -18.65
C LYS A 117 -6.84 26.55 -19.93
N GLN A 118 -6.08 27.64 -19.81
CA GLN A 118 -5.47 28.25 -21.00
C GLN A 118 -4.52 27.27 -21.68
N ILE A 119 -3.62 26.66 -20.92
CA ILE A 119 -2.71 25.67 -21.47
C ILE A 119 -3.49 24.49 -22.04
N ALA A 120 -4.59 24.12 -21.38
CA ALA A 120 -5.39 22.99 -21.83
C ALA A 120 -6.03 23.27 -23.18
N SER A 121 -6.48 24.50 -23.41
CA SER A 121 -7.03 24.84 -24.72
C SER A 121 -5.94 24.90 -25.78
N LYS A 122 -4.79 25.48 -25.43
CA LYS A 122 -3.66 25.49 -26.36
C LYS A 122 -3.18 24.09 -26.70
N LEU A 123 -3.43 23.11 -25.83
CA LEU A 123 -3.12 21.72 -26.15
C LEU A 123 -4.25 21.06 -26.93
N ARG A 124 -5.50 21.37 -26.58
CA ARG A 124 -6.64 20.89 -27.35
C ARG A 124 -6.46 21.21 -28.83
N GLU A 125 -6.05 22.45 -29.14
CA GLU A 125 -5.89 22.81 -30.54
C GLU A 125 -4.81 21.99 -31.21
N GLN A 126 -3.76 21.62 -30.48
CA GLN A 126 -2.69 20.82 -31.06
C GLN A 126 -3.12 19.37 -31.23
N TYR A 127 -3.53 18.72 -30.14
CA TYR A 127 -3.98 17.35 -30.19
C TYR A 127 -5.48 17.33 -30.50
N GLY A 128 -6.17 16.25 -30.14
CA GLY A 128 -7.61 16.21 -30.38
C GLY A 128 -8.35 17.17 -29.48
N ASN A 129 -9.39 17.81 -30.03
CA ASN A 129 -10.26 18.68 -29.27
C ASN A 129 -11.10 17.85 -28.32
N LYS A 130 -10.46 17.35 -27.27
CA LYS A 130 -11.11 16.45 -26.32
C LYS A 130 -10.75 16.89 -24.91
N THR A 131 -11.27 16.15 -23.92
CA THR A 131 -10.97 16.44 -22.53
C THR A 131 -9.48 16.33 -22.27
N ILE A 132 -8.97 17.19 -21.40
CA ILE A 132 -7.55 17.23 -21.05
C ILE A 132 -7.42 17.19 -19.53
N ILE A 133 -6.46 16.40 -19.05
CA ILE A 133 -6.27 16.16 -17.63
C ILE A 133 -4.83 16.45 -17.27
N PHE A 134 -4.62 17.13 -16.14
CA PHE A 134 -3.31 17.36 -15.56
C PHE A 134 -3.19 16.53 -14.29
N LYS A 135 -2.23 15.62 -14.26
CA LYS A 135 -1.93 14.77 -13.12
C LYS A 135 -0.47 14.99 -12.70
N PRO A 136 -0.11 14.58 -11.49
CA PRO A 136 1.24 14.86 -10.98
C PRO A 136 2.26 13.90 -11.58
N SER A 137 3.51 14.08 -11.17
CA SER A 137 4.61 13.32 -11.75
C SER A 137 4.40 11.83 -11.58
N SER A 138 4.95 11.06 -12.52
CA SER A 138 4.89 9.60 -12.45
C SER A 138 5.99 9.01 -11.56
N GLY A 139 6.82 9.85 -10.96
CA GLY A 139 7.93 9.40 -10.14
C GLY A 139 9.27 9.80 -10.72
N GLY A 140 10.30 9.59 -9.91
CA GLY A 140 11.65 9.90 -10.32
C GLY A 140 12.49 10.26 -9.10
N ASP A 141 13.64 10.87 -9.37
CA ASP A 141 14.54 11.29 -8.32
C ASP A 141 14.01 12.55 -7.63
N PRO A 142 14.46 12.81 -6.40
CA PRO A 142 13.95 14.00 -5.68
C PRO A 142 14.21 15.30 -6.39
N GLU A 143 15.20 15.36 -7.29
CA GLU A 143 15.44 16.58 -8.06
C GLU A 143 14.28 16.89 -8.99
N PHE A 144 13.75 15.87 -9.66
CA PHE A 144 12.70 16.04 -10.66
C PHE A 144 11.33 15.55 -10.22
N VAL A 145 11.26 14.64 -9.25
CA VAL A 145 9.97 14.23 -8.72
C VAL A 145 9.31 15.39 -7.98
N ASN A 146 10.06 16.03 -7.08
CA ASN A 146 9.60 17.22 -6.38
C ASN A 146 10.15 18.45 -7.09
N HIS A 147 9.27 19.42 -7.36
CA HIS A 147 9.67 20.67 -7.99
C HIS A 147 10.84 21.29 -7.26
N SER A 148 12.02 21.27 -7.87
CA SER A 148 13.24 21.80 -7.25
C SER A 148 13.61 23.13 -7.88
N PHE A 149 14.11 24.06 -7.06
CA PHE A 149 14.65 25.30 -7.61
C PHE A 149 15.89 25.72 -6.84
N ASN A 150 16.89 26.19 -7.59
CA ASN A 150 18.19 26.58 -7.08
C ASN A 150 18.16 28.09 -6.85
N CYS A 151 17.95 28.49 -5.60
CA CYS A 151 17.86 29.89 -5.20
C CYS A 151 19.00 30.22 -4.26
N GLY A 152 19.74 31.28 -4.59
CA GLY A 152 20.81 31.76 -3.74
C GLY A 152 21.73 30.69 -3.21
N GLY A 153 22.20 29.81 -4.08
CA GLY A 153 23.14 28.78 -3.68
C GLY A 153 22.57 27.66 -2.84
N GLU A 154 21.25 27.46 -2.88
CA GLU A 154 20.62 26.36 -2.17
C GLU A 154 19.48 25.80 -3.01
N PHE A 155 19.37 24.48 -3.04
CA PHE A 155 18.29 23.81 -3.75
C PHE A 155 17.13 23.56 -2.81
N PHE A 156 15.93 23.95 -3.23
CA PHE A 156 14.71 23.77 -2.46
C PHE A 156 13.75 22.87 -3.23
N TYR A 157 13.30 21.81 -2.57
CA TYR A 157 12.38 20.84 -3.17
C TYR A 157 11.00 21.05 -2.57
N CYS A 158 9.98 21.04 -3.44
CA CYS A 158 8.59 21.24 -3.03
C CYS A 158 7.71 20.20 -3.69
N ASP A 159 6.78 19.64 -2.91
CA ASP A 159 5.84 18.64 -3.41
C ASP A 159 4.80 19.33 -4.28
N SER A 160 4.93 19.19 -5.60
CA SER A 160 4.04 19.82 -6.55
C SER A 160 2.79 19.00 -6.82
N THR A 161 2.42 18.10 -5.91
CA THR A 161 1.25 17.26 -6.12
C THR A 161 -0.04 18.06 -6.10
N GLN A 162 -0.03 19.27 -5.54
CA GLN A 162 -1.25 20.07 -5.41
C GLN A 162 -1.62 20.79 -6.70
N LEU A 163 -0.73 20.87 -7.68
CA LEU A 163 -0.96 21.65 -8.88
C LEU A 163 -1.44 20.81 -10.07
N PHE A 164 -1.39 19.48 -9.97
CA PHE A 164 -1.73 18.60 -11.09
C PHE A 164 -2.74 17.57 -10.61
N ASN A 165 -4.00 17.99 -10.52
CA ASN A 165 -5.11 17.09 -10.22
C ASN A 165 -6.36 17.70 -10.84
N SER A 166 -6.26 18.10 -12.11
CA SER A 166 -7.28 18.89 -12.78
C SER A 166 -7.84 18.14 -13.98
N THR A 167 -9.14 18.29 -14.20
CA THR A 167 -9.81 17.79 -15.40
C THR A 167 -10.47 18.95 -16.11
N TRP A 168 -10.50 18.89 -17.44
CA TRP A 168 -11.08 19.94 -18.26
C TRP A 168 -11.83 19.31 -19.42
N PHE A 169 -13.14 19.49 -19.44
CA PHE A 169 -13.98 18.98 -20.52
C PHE A 169 -14.16 20.01 -21.62
N GLN B 1 29.29 -5.89 -28.80
CA GLN B 1 29.29 -6.75 -27.58
C GLN B 1 28.27 -6.25 -26.57
N VAL B 2 27.18 -5.67 -27.06
CA VAL B 2 26.10 -5.18 -26.20
C VAL B 2 25.27 -6.38 -25.73
N GLN B 3 24.76 -6.28 -24.52
CA GLN B 3 24.06 -7.40 -23.89
C GLN B 3 23.02 -6.88 -22.92
N LEU B 4 21.78 -7.33 -23.10
CA LEU B 4 20.69 -7.08 -22.15
C LEU B 4 20.19 -8.43 -21.65
N VAL B 5 20.40 -8.69 -20.36
CA VAL B 5 20.07 -9.98 -19.76
C VAL B 5 19.00 -9.75 -18.71
N GLN B 6 17.84 -10.39 -18.89
CA GLN B 6 16.72 -10.26 -17.97
C GLN B 6 16.74 -11.39 -16.95
N SER B 7 15.83 -11.30 -15.98
CA SER B 7 15.72 -12.31 -14.95
C SER B 7 15.09 -13.58 -15.51
N GLY B 8 14.91 -14.57 -14.64
CA GLY B 8 14.29 -15.81 -15.04
C GLY B 8 12.78 -15.80 -14.84
N ALA B 9 12.11 -16.68 -15.58
CA ALA B 9 10.66 -16.79 -15.49
C ALA B 9 10.25 -17.25 -14.08
N GLU B 10 9.08 -16.81 -13.65
CA GLU B 10 8.59 -17.18 -12.33
C GLU B 10 7.07 -17.09 -12.30
N VAL B 11 6.50 -17.56 -11.19
CA VAL B 11 5.06 -17.66 -11.00
C VAL B 11 4.67 -16.82 -9.80
N LYS B 12 3.53 -16.15 -9.91
CA LYS B 12 3.00 -15.35 -8.82
C LYS B 12 1.49 -15.55 -8.76
N LYS B 13 0.93 -15.39 -7.56
CA LYS B 13 -0.50 -15.56 -7.41
C LYS B 13 -1.22 -14.27 -7.82
N PRO B 14 -2.48 -14.37 -8.25
CA PRO B 14 -3.21 -13.16 -8.64
C PRO B 14 -3.21 -12.14 -7.51
N GLY B 15 -2.85 -10.90 -7.84
CA GLY B 15 -2.77 -9.83 -6.88
C GLY B 15 -1.39 -9.60 -6.30
N ALA B 16 -0.48 -10.56 -6.44
CA ALA B 16 0.88 -10.41 -5.93
C ALA B 16 1.65 -9.36 -6.73
N SER B 17 2.97 -9.36 -6.60
CA SER B 17 3.81 -8.42 -7.32
C SER B 17 5.04 -9.15 -7.86
N VAL B 18 5.54 -8.68 -9.00
CA VAL B 18 6.69 -9.30 -9.67
C VAL B 18 7.62 -8.20 -10.14
N LYS B 19 8.91 -8.31 -9.79
CA LYS B 19 9.92 -7.35 -10.18
C LYS B 19 10.90 -8.04 -11.12
N VAL B 20 10.88 -7.65 -12.39
CA VAL B 20 11.77 -8.20 -13.41
C VAL B 20 12.95 -7.26 -13.57
N SER B 21 14.15 -7.84 -13.66
CA SER B 21 15.40 -7.10 -13.79
C SER B 21 15.89 -7.13 -15.23
N CYS B 22 16.82 -6.22 -15.52
CA CYS B 22 17.42 -6.13 -16.85
C CYS B 22 18.83 -5.57 -16.68
N LYS B 23 19.82 -6.45 -16.64
CA LYS B 23 21.22 -6.05 -16.59
C LYS B 23 21.69 -5.67 -17.98
N ALA B 24 22.27 -4.47 -18.10
CA ALA B 24 22.75 -3.96 -19.37
C ALA B 24 24.27 -3.85 -19.31
N SER B 25 24.93 -4.31 -20.37
CA SER B 25 26.38 -4.23 -20.47
C SER B 25 26.77 -3.91 -21.91
N GLY B 26 27.85 -3.16 -22.05
CA GLY B 26 28.38 -2.81 -23.36
C GLY B 26 28.14 -1.38 -23.81
N TYR B 27 27.62 -0.52 -22.94
CA TYR B 27 27.40 0.88 -23.30
C TYR B 27 27.14 1.67 -22.03
N THR B 28 27.10 2.99 -22.17
CA THR B 28 26.83 3.88 -21.05
C THR B 28 25.36 3.75 -20.65
N PHE B 29 25.11 3.08 -19.52
CA PHE B 29 23.73 2.80 -19.11
C PHE B 29 22.92 4.07 -18.96
N THR B 30 23.55 5.17 -18.57
CA THR B 30 22.83 6.41 -18.26
C THR B 30 22.53 7.25 -19.50
N GLY B 31 22.72 6.70 -20.70
CA GLY B 31 22.57 7.49 -21.91
C GLY B 31 21.30 7.22 -22.68
N TYR B 32 20.83 5.98 -22.67
CA TYR B 32 19.70 5.55 -23.50
C TYR B 32 18.49 5.28 -22.61
N TYR B 33 17.35 5.84 -23.00
CA TYR B 33 16.09 5.53 -22.32
C TYR B 33 15.83 4.03 -22.38
N MET B 34 15.24 3.49 -21.31
CA MET B 34 14.98 2.06 -21.21
C MET B 34 13.48 1.82 -21.19
N ASN B 35 12.98 1.05 -22.15
CA ASN B 35 11.56 0.73 -22.24
C ASN B 35 11.33 -0.72 -21.84
N TRP B 36 10.09 -1.01 -21.45
CA TRP B 36 9.67 -2.36 -21.10
C TRP B 36 8.47 -2.73 -21.96
N VAL B 37 8.64 -3.75 -22.80
CA VAL B 37 7.61 -4.19 -23.74
C VAL B 37 7.13 -5.56 -23.30
N ARG B 38 5.81 -5.74 -23.26
CA ARG B 38 5.22 -7.03 -22.91
C ARG B 38 4.56 -7.64 -24.14
N GLN B 39 4.93 -8.86 -24.47
CA GLN B 39 4.34 -9.64 -25.55
C GLN B 39 3.33 -10.59 -24.91
N ALA B 40 2.04 -10.29 -25.08
CA ALA B 40 1.01 -11.22 -24.65
C ALA B 40 1.21 -12.55 -25.39
N PRO B 41 0.77 -13.66 -24.80
CA PRO B 41 1.12 -14.97 -25.37
C PRO B 41 0.39 -15.23 -26.68
N GLY B 42 1.03 -14.87 -27.80
CA GLY B 42 0.43 -15.04 -29.10
C GLY B 42 -0.56 -13.96 -29.48
N GLN B 43 -0.47 -12.77 -28.88
CA GLN B 43 -1.44 -11.71 -29.10
C GLN B 43 -0.76 -10.37 -29.37
N GLY B 44 0.41 -10.39 -30.01
CA GLY B 44 1.06 -9.17 -30.41
C GLY B 44 1.83 -8.50 -29.30
N LEU B 45 2.49 -7.41 -29.67
CA LEU B 45 3.32 -6.62 -28.75
C LEU B 45 2.57 -5.38 -28.30
N GLU B 46 2.65 -5.08 -27.01
CA GLU B 46 2.10 -3.85 -26.46
C GLU B 46 3.12 -3.23 -25.52
N TRP B 47 3.46 -1.97 -25.79
CA TRP B 47 4.46 -1.27 -24.99
C TRP B 47 3.87 -0.88 -23.63
N MET B 48 4.70 -0.96 -22.59
CA MET B 48 4.27 -0.68 -21.23
C MET B 48 4.68 0.72 -20.78
N GLY B 49 5.98 0.98 -20.73
CA GLY B 49 6.47 2.27 -20.26
C GLY B 49 7.93 2.43 -20.57
N TRP B 50 8.42 3.66 -20.35
CA TRP B 50 9.84 3.96 -20.49
C TRP B 50 10.31 4.74 -19.28
N ILE B 51 11.60 4.60 -18.98
CA ILE B 51 12.26 5.26 -17.87
C ILE B 51 13.53 5.93 -18.39
N ASN B 52 13.81 7.13 -17.87
CA ASN B 52 15.03 7.84 -18.19
C ASN B 52 16.11 7.47 -17.18
N PRO B 53 17.26 6.94 -17.61
CA PRO B 53 18.23 6.42 -16.64
C PRO B 53 18.98 7.49 -15.86
N ASN B 54 18.77 8.77 -16.14
CA ASN B 54 19.39 9.86 -15.40
C ASN B 54 18.44 10.44 -14.36
N SER B 55 17.34 11.06 -14.80
CA SER B 55 16.39 11.68 -13.89
C SER B 55 15.51 10.67 -13.18
N GLY B 56 15.45 9.42 -13.65
CA GLY B 56 14.53 8.46 -13.11
C GLY B 56 13.07 8.73 -13.42
N GLY B 57 12.77 9.77 -14.18
CA GLY B 57 11.40 10.01 -14.57
C GLY B 57 10.87 8.90 -15.44
N THR B 58 9.55 8.67 -15.34
CA THR B 58 8.91 7.55 -16.00
C THR B 58 7.69 8.02 -16.78
N ASN B 59 7.43 7.37 -17.91
CA ASN B 59 6.19 7.54 -18.66
C ASN B 59 5.63 6.14 -18.90
N TYR B 60 4.54 5.82 -18.20
CA TYR B 60 3.88 4.53 -18.34
C TYR B 60 2.72 4.66 -19.32
N ALA B 61 2.21 3.50 -19.74
CA ALA B 61 1.05 3.47 -20.63
C ALA B 61 -0.23 3.65 -19.82
N GLN B 62 -1.18 4.37 -20.39
CA GLN B 62 -2.45 4.63 -19.71
C GLN B 62 -3.12 3.34 -19.25
N LYS B 63 -2.78 2.20 -19.86
CA LYS B 63 -3.39 0.93 -19.48
C LYS B 63 -2.75 0.32 -18.23
N PHE B 64 -1.60 0.82 -17.79
CA PHE B 64 -0.89 0.23 -16.67
C PHE B 64 -0.68 1.19 -15.50
N GLN B 65 -1.13 2.44 -15.60
CA GLN B 65 -0.96 3.38 -14.50
C GLN B 65 -1.64 2.85 -13.24
N GLY B 66 -1.04 3.15 -12.09
CA GLY B 66 -1.53 2.63 -10.83
C GLY B 66 -1.29 1.16 -10.61
N ARG B 67 -0.52 0.52 -11.49
CA ARG B 67 -0.24 -0.91 -11.38
C ARG B 67 1.22 -1.25 -11.63
N VAL B 68 2.03 -0.33 -12.14
CA VAL B 68 3.41 -0.61 -12.52
C VAL B 68 4.31 0.48 -11.98
N THR B 69 5.57 0.13 -11.72
CA THR B 69 6.59 1.09 -11.32
C THR B 69 7.93 0.65 -11.89
N MET B 70 8.60 1.57 -12.58
CA MET B 70 9.91 1.30 -13.17
C MET B 70 10.98 2.05 -12.39
N THR B 71 12.08 1.37 -12.11
CA THR B 71 13.19 1.93 -11.38
C THR B 71 14.50 1.51 -12.04
N ARG B 72 15.61 1.97 -11.48
CA ARG B 72 16.90 1.70 -12.07
C ARG B 72 17.97 1.64 -10.98
N ASP B 73 19.12 1.08 -11.34
CA ASP B 73 20.30 1.02 -10.48
C ASP B 73 21.49 1.26 -11.42
N THR B 74 21.90 2.54 -11.51
CA THR B 74 22.97 2.90 -12.42
C THR B 74 24.34 2.43 -11.95
N SER B 75 24.51 2.19 -10.64
CA SER B 75 25.78 1.69 -10.15
C SER B 75 26.15 0.37 -10.80
N ILE B 76 25.16 -0.49 -11.05
CA ILE B 76 25.36 -1.75 -11.73
C ILE B 76 24.69 -1.79 -13.10
N SER B 77 24.01 -0.72 -13.50
CA SER B 77 23.38 -0.63 -14.81
C SER B 77 22.30 -1.70 -14.97
N THR B 78 21.29 -1.63 -14.11
CA THR B 78 20.20 -2.60 -14.13
C THR B 78 18.87 -1.87 -14.04
N ALA B 79 18.02 -2.07 -15.04
CA ALA B 79 16.66 -1.56 -14.99
C ALA B 79 15.75 -2.54 -14.28
N TYR B 80 14.66 -2.04 -13.71
CA TYR B 80 13.71 -2.85 -12.98
C TYR B 80 12.29 -2.44 -13.35
N MET B 81 11.44 -3.42 -13.58
CA MET B 81 10.02 -3.19 -13.83
C MET B 81 9.25 -4.03 -12.82
N GLU B 82 8.53 -3.36 -11.92
CA GLU B 82 7.74 -4.03 -10.89
C GLU B 82 6.27 -3.87 -11.23
N LEU B 83 5.52 -4.97 -11.17
CA LEU B 83 4.11 -5.00 -11.52
C LEU B 83 3.34 -5.54 -10.32
N SER B 84 2.42 -4.73 -9.80
CA SER B 84 1.58 -5.09 -8.68
C SER B 84 0.15 -5.31 -9.17
N ARG B 85 -0.77 -5.57 -8.22
CA ARG B 85 -2.15 -5.91 -8.54
C ARG B 85 -2.18 -6.86 -9.74
N LEU B 86 -1.42 -7.94 -9.61
CA LEU B 86 -1.15 -8.83 -10.75
C LEU B 86 -2.40 -9.61 -11.10
N ARG B 87 -2.98 -9.31 -12.26
CA ARG B 87 -4.14 -10.03 -12.75
C ARG B 87 -3.71 -11.34 -13.40
N SER B 88 -4.62 -12.32 -13.37
CA SER B 88 -4.34 -13.61 -13.98
C SER B 88 -4.28 -13.53 -15.51
N ASP B 89 -4.79 -12.45 -16.10
CA ASP B 89 -4.75 -12.26 -17.54
C ASP B 89 -3.53 -11.48 -18.00
N ASP B 90 -2.52 -11.33 -17.14
CA ASP B 90 -1.31 -10.59 -17.47
C ASP B 90 -0.09 -11.51 -17.56
N THR B 91 -0.30 -12.77 -17.95
CA THR B 91 0.78 -13.72 -18.16
C THR B 91 1.33 -13.51 -19.57
N ALA B 92 2.56 -13.01 -19.66
CA ALA B 92 3.13 -12.63 -20.94
C ALA B 92 4.65 -12.71 -20.84
N VAL B 93 5.33 -12.41 -21.94
CA VAL B 93 6.79 -12.39 -21.99
C VAL B 93 7.23 -10.93 -21.91
N TYR B 94 7.96 -10.57 -20.87
CA TYR B 94 8.36 -9.19 -20.63
C TYR B 94 9.80 -8.99 -21.05
N TYR B 95 10.01 -8.08 -22.00
CA TYR B 95 11.32 -7.73 -22.53
C TYR B 95 11.69 -6.31 -22.11
N CYS B 96 12.99 -6.06 -22.01
CA CYS B 96 13.53 -4.71 -21.87
C CYS B 96 14.21 -4.31 -23.18
N ALA B 97 13.97 -3.08 -23.61
CA ALA B 97 14.47 -2.59 -24.89
C ALA B 97 15.15 -1.23 -24.71
N ARG B 98 16.02 -0.92 -25.66
CA ARG B 98 16.83 0.29 -25.58
C ARG B 98 16.60 1.19 -26.79
N GLY B 99 17.25 0.88 -27.91
CA GLY B 99 17.23 1.73 -29.08
C GLY B 99 18.64 1.91 -29.61
N LYS B 100 18.76 2.18 -30.91
CA LYS B 100 20.08 2.30 -31.52
C LYS B 100 20.72 3.63 -31.17
N ASN B 101 20.04 4.74 -31.48
CA ASN B 101 20.58 6.07 -31.24
C ASN B 101 20.12 6.60 -29.89
N SER B 102 21.05 7.23 -29.17
CA SER B 102 20.73 7.75 -27.85
C SER B 102 19.65 8.83 -27.90
N ASP B 103 19.55 9.54 -29.02
CA ASP B 103 18.59 10.63 -29.11
C ASP B 103 17.16 10.11 -29.19
N TYR B 104 16.91 9.15 -30.09
CA TYR B 104 15.56 8.69 -30.38
C TYR B 104 15.30 7.34 -29.72
N ASN B 105 14.09 7.20 -29.18
CA ASN B 105 13.59 5.95 -28.64
C ASN B 105 12.70 5.28 -29.69
N TRP B 106 12.16 4.12 -29.35
CA TRP B 106 11.14 3.40 -30.12
C TRP B 106 11.72 2.66 -31.33
N ASP B 107 13.02 2.76 -31.59
CA ASP B 107 13.68 1.96 -32.62
C ASP B 107 14.57 0.92 -31.92
N PHE B 108 13.92 -0.05 -31.27
CA PHE B 108 14.58 -0.99 -30.38
C PHE B 108 15.51 -1.88 -31.19
N GLN B 109 16.82 -1.57 -31.15
CA GLN B 109 17.81 -2.41 -31.81
C GLN B 109 18.19 -3.60 -30.93
N HIS B 110 18.24 -3.40 -29.62
CA HIS B 110 18.58 -4.45 -28.68
C HIS B 110 17.34 -4.88 -27.90
N TRP B 111 17.28 -6.18 -27.57
CA TRP B 111 16.22 -6.73 -26.76
C TRP B 111 16.81 -7.71 -25.76
N GLY B 112 16.17 -7.83 -24.60
CA GLY B 112 16.49 -8.89 -23.69
C GLY B 112 15.97 -10.22 -24.18
N GLN B 113 16.44 -11.30 -23.55
CA GLN B 113 16.00 -12.63 -23.97
C GLN B 113 14.54 -12.87 -23.66
N GLY B 114 13.98 -12.17 -22.69
CA GLY B 114 12.59 -12.33 -22.30
C GLY B 114 12.46 -12.82 -20.86
N THR B 115 11.24 -12.70 -20.35
CA THR B 115 10.93 -13.12 -18.99
C THR B 115 9.45 -13.50 -18.95
N LEU B 116 9.17 -14.79 -18.94
CA LEU B 116 7.80 -15.28 -18.92
C LEU B 116 7.31 -15.29 -17.48
N VAL B 117 6.46 -14.32 -17.14
CA VAL B 117 5.82 -14.27 -15.83
C VAL B 117 4.46 -14.94 -15.93
N THR B 118 4.18 -15.86 -15.01
CA THR B 118 2.89 -16.54 -14.98
C THR B 118 2.12 -16.13 -13.74
N VAL B 119 0.80 -16.05 -13.89
CA VAL B 119 -0.10 -15.59 -12.83
C VAL B 119 -1.26 -16.56 -12.77
N SER B 120 -1.32 -17.37 -11.71
CA SER B 120 -2.39 -18.34 -11.56
C SER B 120 -2.57 -18.68 -10.09
N SER B 121 -3.78 -19.11 -9.76
CA SER B 121 -4.06 -19.60 -8.41
C SER B 121 -3.47 -20.99 -8.16
N ALA B 122 -3.24 -21.77 -9.22
CA ALA B 122 -2.66 -23.10 -9.07
C ALA B 122 -1.21 -22.99 -8.60
N SER B 123 -0.75 -24.05 -7.95
CA SER B 123 0.58 -24.10 -7.38
C SER B 123 1.58 -24.64 -8.40
N THR B 124 2.84 -24.26 -8.21
CA THR B 124 3.91 -24.73 -9.09
C THR B 124 4.21 -26.20 -8.84
N LYS B 125 4.54 -26.92 -9.91
CA LYS B 125 4.85 -28.34 -9.83
C LYS B 125 6.04 -28.64 -10.73
N GLY B 126 6.94 -29.50 -10.25
CA GLY B 126 8.10 -29.89 -11.00
C GLY B 126 7.78 -30.98 -12.01
N PRO B 127 8.44 -30.93 -13.17
CA PRO B 127 8.18 -31.94 -14.20
C PRO B 127 8.75 -33.31 -13.82
N SER B 128 8.16 -34.34 -14.41
CA SER B 128 8.65 -35.71 -14.32
C SER B 128 9.23 -36.09 -15.66
N VAL B 129 10.50 -36.47 -15.69
CA VAL B 129 11.22 -36.75 -16.91
C VAL B 129 11.32 -38.27 -17.09
N PHE B 130 10.99 -38.74 -18.30
CA PHE B 130 11.08 -40.14 -18.63
C PHE B 130 11.75 -40.31 -20.00
N PRO B 131 12.42 -41.42 -20.24
CA PRO B 131 13.12 -41.59 -21.52
C PRO B 131 12.31 -42.35 -22.56
N LEU B 132 12.00 -41.69 -23.68
CA LEU B 132 11.47 -42.37 -24.87
C LEU B 132 12.66 -43.00 -25.57
N ALA B 133 12.92 -44.26 -25.27
CA ALA B 133 14.16 -44.91 -25.65
C ALA B 133 14.15 -45.33 -27.12
N PRO B 134 15.34 -45.55 -27.69
CA PRO B 134 15.39 -46.07 -29.07
C PRO B 134 14.88 -47.50 -29.16
N SER B 135 14.18 -47.79 -30.25
CA SER B 135 13.66 -49.12 -30.51
C SER B 135 13.75 -49.37 -32.01
N SER B 136 13.03 -50.38 -32.49
CA SER B 136 13.01 -50.68 -33.91
C SER B 136 12.41 -49.51 -34.68
N LYS B 137 13.22 -48.83 -35.49
CA LYS B 137 12.80 -47.63 -36.19
C LYS B 137 13.46 -47.61 -37.56
N SER B 138 13.51 -46.44 -38.19
CA SER B 138 14.16 -46.27 -39.48
C SER B 138 14.18 -44.80 -39.89
N GLY B 141 15.70 -46.89 -43.42
CA GLY B 141 16.30 -45.62 -43.05
C GLY B 141 17.61 -45.80 -42.32
N GLY B 142 17.70 -46.83 -41.49
CA GLY B 142 18.88 -47.04 -40.69
C GLY B 142 19.16 -45.92 -39.71
N THR B 143 18.13 -45.13 -39.38
CA THR B 143 18.25 -44.05 -38.41
C THR B 143 17.30 -44.32 -37.26
N ALA B 144 17.81 -44.16 -36.04
CA ALA B 144 16.99 -44.30 -34.84
C ALA B 144 16.47 -42.94 -34.40
N ALA B 145 15.44 -42.96 -33.58
CA ALA B 145 14.85 -41.75 -33.02
C ALA B 145 14.66 -41.97 -31.53
N LEU B 146 15.15 -41.04 -30.72
CA LEU B 146 15.04 -41.12 -29.27
C LEU B 146 14.46 -39.81 -28.76
N GLY B 147 14.21 -39.76 -27.46
CA GLY B 147 13.72 -38.53 -26.87
C GLY B 147 13.44 -38.69 -25.39
N CYS B 148 12.82 -37.67 -24.83
CA CYS B 148 12.36 -37.69 -23.45
C CYS B 148 11.01 -37.01 -23.34
N LEU B 149 10.18 -37.56 -22.46
CA LEU B 149 8.85 -37.04 -22.15
C LEU B 149 8.92 -36.30 -20.83
N VAL B 150 8.50 -35.03 -20.84
CA VAL B 150 8.45 -34.20 -19.64
C VAL B 150 6.98 -34.02 -19.31
N LYS B 151 6.51 -34.72 -18.28
CA LYS B 151 5.08 -34.84 -17.99
C LYS B 151 4.74 -34.21 -16.66
N ASP B 152 3.47 -33.80 -16.53
CA ASP B 152 2.90 -33.38 -15.25
C ASP B 152 3.74 -32.26 -14.62
N TYR B 153 3.72 -31.12 -15.30
CA TYR B 153 4.42 -29.94 -14.83
C TYR B 153 3.56 -28.71 -15.04
N PHE B 154 3.82 -27.68 -14.24
CA PHE B 154 3.13 -26.41 -14.36
C PHE B 154 3.96 -25.35 -13.65
N PRO B 155 4.09 -24.13 -14.19
CA PRO B 155 3.58 -23.68 -15.50
C PRO B 155 4.63 -23.72 -16.59
N GLU B 156 4.25 -23.31 -17.79
CA GLU B 156 5.25 -23.02 -18.81
C GLU B 156 6.18 -21.93 -18.28
N PRO B 157 7.45 -21.90 -18.74
CA PRO B 157 8.10 -22.72 -19.76
C PRO B 157 8.98 -23.84 -19.21
N VAL B 158 9.22 -24.84 -20.04
CA VAL B 158 10.18 -25.91 -19.77
C VAL B 158 11.10 -26.00 -20.98
N THR B 159 12.38 -25.71 -20.78
CA THR B 159 13.35 -25.71 -21.88
C THR B 159 14.10 -27.03 -21.90
N VAL B 160 14.16 -27.65 -23.07
CA VAL B 160 14.79 -28.95 -23.24
C VAL B 160 15.89 -28.82 -24.29
N SER B 161 17.12 -29.06 -23.88
CA SER B 161 18.26 -29.10 -24.78
C SER B 161 18.85 -30.51 -24.79
N TRP B 162 19.86 -30.72 -25.62
CA TRP B 162 20.48 -32.03 -25.79
C TRP B 162 22.00 -31.90 -25.73
N ASN B 163 22.62 -32.78 -24.96
CA ASN B 163 24.08 -32.79 -24.79
C ASN B 163 24.60 -31.39 -24.47
N SER B 164 23.83 -30.65 -23.65
CA SER B 164 24.22 -29.32 -23.19
C SER B 164 24.33 -28.33 -24.34
N GLY B 165 23.49 -28.49 -25.36
CA GLY B 165 23.49 -27.60 -26.50
C GLY B 165 24.38 -28.00 -27.64
N ALA B 166 24.92 -29.21 -27.62
CA ALA B 166 25.80 -29.67 -28.68
C ALA B 166 25.06 -30.41 -29.78
N LEU B 167 23.95 -31.07 -29.46
CA LEU B 167 23.13 -31.80 -30.42
C LEU B 167 21.86 -31.00 -30.66
N THR B 168 21.71 -30.49 -31.89
CA THR B 168 20.57 -29.64 -32.21
C THR B 168 20.00 -29.97 -33.59
N SER B 169 20.87 -30.27 -34.56
CA SER B 169 20.41 -30.61 -35.91
C SER B 169 19.56 -31.88 -35.87
N GLY B 170 18.27 -31.75 -36.16
CA GLY B 170 17.35 -32.86 -36.04
C GLY B 170 16.54 -32.89 -34.77
N VAL B 171 16.79 -31.96 -33.85
CA VAL B 171 16.03 -31.90 -32.61
C VAL B 171 14.64 -31.34 -32.91
N HIS B 172 13.61 -31.99 -32.37
CA HIS B 172 12.23 -31.52 -32.48
C HIS B 172 11.63 -31.54 -31.07
N THR B 173 11.40 -30.35 -30.52
CA THR B 173 10.79 -30.19 -29.21
C THR B 173 9.38 -29.64 -29.41
N PHE B 174 8.38 -30.35 -28.88
CA PHE B 174 6.99 -30.03 -29.17
C PHE B 174 6.45 -29.01 -28.17
N PRO B 175 5.47 -28.21 -28.57
CA PRO B 175 4.80 -27.32 -27.62
C PRO B 175 4.16 -28.12 -26.48
N ALA B 176 3.79 -27.40 -25.44
CA ALA B 176 3.18 -28.03 -24.27
C ALA B 176 1.74 -28.41 -24.56
N VAL B 177 1.33 -29.54 -24.00
CA VAL B 177 -0.05 -30.02 -24.09
C VAL B 177 -0.67 -29.88 -22.70
N LEU B 178 -1.90 -29.35 -22.66
CA LEU B 178 -2.58 -29.07 -21.40
C LEU B 178 -3.44 -30.28 -21.03
N GLN B 179 -3.06 -30.96 -19.95
CA GLN B 179 -3.84 -32.09 -19.46
C GLN B 179 -5.13 -31.59 -18.82
N SER B 180 -6.12 -32.50 -18.78
CA SER B 180 -7.39 -32.15 -18.13
C SER B 180 -7.19 -31.79 -16.66
N SER B 181 -6.09 -32.19 -16.06
CA SER B 181 -5.78 -31.86 -14.68
C SER B 181 -5.05 -30.53 -14.54
N GLY B 182 -5.02 -29.71 -15.60
CA GLY B 182 -4.39 -28.42 -15.54
C GLY B 182 -2.87 -28.44 -15.61
N LEU B 183 -2.26 -29.60 -15.75
CA LEU B 183 -0.81 -29.72 -15.81
C LEU B 183 -0.35 -29.91 -17.25
N TYR B 184 0.88 -29.51 -17.53
CA TYR B 184 1.44 -29.55 -18.87
C TYR B 184 2.27 -30.82 -19.08
N SER B 185 2.51 -31.13 -20.35
CA SER B 185 3.41 -32.22 -20.71
C SER B 185 3.84 -32.02 -22.16
N LEU B 186 5.13 -32.26 -22.42
CA LEU B 186 5.70 -32.12 -23.74
C LEU B 186 6.69 -33.25 -23.97
N SER B 187 7.26 -33.29 -25.17
CA SER B 187 8.25 -34.28 -25.55
C SER B 187 9.32 -33.62 -26.40
N SER B 188 10.56 -34.10 -26.26
CA SER B 188 11.68 -33.61 -27.04
C SER B 188 12.38 -34.81 -27.65
N VAL B 189 12.44 -34.87 -28.97
CA VAL B 189 13.00 -36.02 -29.68
C VAL B 189 14.13 -35.55 -30.58
N VAL B 190 14.90 -36.54 -31.05
CA VAL B 190 16.00 -36.29 -31.97
C VAL B 190 16.27 -37.58 -32.74
N THR B 191 16.58 -37.44 -34.02
CA THR B 191 16.95 -38.55 -34.88
C THR B 191 18.47 -38.62 -35.01
N VAL B 192 19.01 -39.84 -34.91
CA VAL B 192 20.44 -40.07 -34.93
C VAL B 192 20.69 -41.33 -35.77
N PRO B 193 21.94 -41.65 -36.12
CA PRO B 193 22.18 -42.90 -36.83
C PRO B 193 22.11 -44.10 -35.89
N SER B 194 21.52 -45.19 -36.39
CA SER B 194 21.46 -46.42 -35.60
C SER B 194 22.86 -46.91 -35.24
N SER B 195 23.85 -46.61 -36.09
CA SER B 195 25.20 -47.10 -35.86
C SER B 195 25.76 -46.59 -34.54
N SER B 196 25.65 -45.29 -34.30
CA SER B 196 26.29 -44.66 -33.14
C SER B 196 25.50 -44.84 -31.84
N LEU B 197 24.49 -45.72 -31.82
CA LEU B 197 23.74 -45.94 -30.60
C LEU B 197 24.65 -46.40 -29.47
N GLY B 198 25.53 -47.37 -29.76
CA GLY B 198 26.44 -47.87 -28.76
C GLY B 198 27.71 -47.07 -28.58
N THR B 199 27.99 -46.14 -29.49
CA THR B 199 29.22 -45.35 -29.42
C THR B 199 29.02 -43.96 -28.83
N GLN B 200 27.83 -43.38 -28.99
CA GLN B 200 27.53 -42.06 -28.46
C GLN B 200 26.50 -42.15 -27.33
N THR B 201 26.50 -41.11 -26.50
CA THR B 201 25.55 -40.98 -25.40
C THR B 201 24.75 -39.70 -25.62
N TYR B 202 23.43 -39.79 -25.46
CA TYR B 202 22.52 -38.67 -25.65
C TYR B 202 21.77 -38.38 -24.37
N ILE B 203 21.66 -37.10 -24.03
CA ILE B 203 21.12 -36.66 -22.74
C ILE B 203 20.13 -35.53 -22.96
N CYS B 204 18.94 -35.66 -22.37
CA CYS B 204 18.02 -34.55 -22.26
C CYS B 204 18.43 -33.67 -21.08
N ASN B 205 18.49 -32.36 -21.32
CA ASN B 205 18.75 -31.36 -20.29
C ASN B 205 17.48 -30.53 -20.17
N VAL B 206 16.71 -30.77 -19.11
CA VAL B 206 15.43 -30.11 -18.87
C VAL B 206 15.62 -29.04 -17.81
N ASN B 207 15.05 -27.87 -18.05
CA ASN B 207 15.11 -26.75 -17.12
C ASN B 207 13.71 -26.19 -16.93
N HIS B 208 13.31 -26.02 -15.67
CA HIS B 208 12.02 -25.46 -15.27
C HIS B 208 12.34 -24.52 -14.10
N LYS B 209 12.69 -23.27 -14.44
CA LYS B 209 13.06 -22.31 -13.41
C LYS B 209 11.92 -22.05 -12.43
N PRO B 210 10.65 -21.95 -12.84
CA PRO B 210 9.57 -21.77 -11.87
C PRO B 210 9.70 -22.67 -10.65
N SER B 211 10.08 -23.92 -10.87
CA SER B 211 10.31 -24.87 -9.78
C SER B 211 11.79 -25.05 -9.46
N ASN B 212 12.65 -24.17 -9.98
CA ASN B 212 14.10 -24.24 -9.76
C ASN B 212 14.61 -25.66 -10.01
N THR B 213 14.18 -26.24 -11.13
CA THR B 213 14.44 -27.65 -11.42
C THR B 213 15.35 -27.77 -12.62
N LYS B 214 16.52 -28.37 -12.42
CA LYS B 214 17.43 -28.74 -13.49
C LYS B 214 17.59 -30.26 -13.47
N VAL B 215 17.37 -30.90 -14.61
CA VAL B 215 17.41 -32.36 -14.69
C VAL B 215 18.17 -32.78 -15.93
N ASP B 216 18.88 -33.91 -15.82
CA ASP B 216 19.62 -34.50 -16.93
C ASP B 216 19.30 -35.98 -16.98
N LYS B 217 18.77 -36.44 -18.11
CA LYS B 217 18.34 -37.83 -18.26
C LYS B 217 18.97 -38.45 -19.49
N ARG B 218 19.61 -39.60 -19.31
CA ARG B 218 20.30 -40.29 -20.39
C ARG B 218 19.33 -41.23 -21.10
N VAL B 219 19.17 -41.05 -22.41
CA VAL B 219 18.30 -41.89 -23.21
C VAL B 219 19.13 -43.07 -23.71
N GLU B 220 18.78 -44.28 -23.27
CA GLU B 220 19.53 -45.49 -23.56
C GLU B 220 18.62 -46.52 -24.22
N PRO B 221 19.16 -47.35 -25.12
CA PRO B 221 18.33 -48.39 -25.74
C PRO B 221 17.75 -49.34 -24.70
N LYS B 222 16.73 -50.08 -25.14
CA LYS B 222 16.05 -51.03 -24.27
C LYS B 222 16.77 -52.38 -24.28
N SER B 223 16.35 -53.26 -23.39
CA SER B 223 16.94 -54.59 -23.27
C SER B 223 15.87 -55.68 -23.33
N ILE C 2 -4.66 6.93 -32.91
CA ILE C 2 -3.40 6.76 -33.62
C ILE C 2 -3.03 5.27 -33.68
N VAL C 3 -4.04 4.42 -33.85
CA VAL C 3 -3.84 2.98 -33.87
C VAL C 3 -3.26 2.56 -35.20
N MET C 4 -2.85 1.28 -35.31
CA MET C 4 -2.28 0.76 -36.53
C MET C 4 -2.71 -0.68 -36.72
N SER C 5 -2.76 -1.11 -37.98
CA SER C 5 -3.07 -2.48 -38.35
C SER C 5 -2.03 -2.98 -39.34
N GLN C 6 -1.84 -4.30 -39.34
CA GLN C 6 -0.86 -4.94 -40.22
C GLN C 6 -1.54 -6.12 -40.90
N SER C 7 -1.35 -6.24 -42.21
CA SER C 7 -2.00 -7.29 -42.99
C SER C 7 -1.04 -7.76 -44.08
N PRO C 8 -1.25 -8.96 -44.62
CA PRO C 8 -2.23 -9.95 -44.16
C PRO C 8 -1.80 -10.65 -42.88
N SER C 9 -2.74 -11.28 -42.18
CA SER C 9 -2.43 -12.01 -40.95
C SER C 9 -1.53 -13.20 -41.25
N SER C 10 -2.10 -14.23 -41.88
CA SER C 10 -1.32 -15.36 -42.37
C SER C 10 -0.84 -15.09 -43.80
N LEU C 11 0.19 -15.81 -44.20
CA LEU C 11 0.74 -15.63 -45.54
C LEU C 11 1.70 -16.76 -45.90
N ALA C 12 1.24 -17.71 -46.70
CA ALA C 12 2.06 -18.84 -47.14
C ALA C 12 2.54 -18.60 -48.56
N VAL C 13 3.83 -18.89 -48.80
CA VAL C 13 4.46 -18.69 -50.10
C VAL C 13 5.56 -19.74 -50.26
N SER C 14 6.07 -19.85 -51.49
CA SER C 14 7.14 -20.77 -51.81
C SER C 14 8.48 -20.04 -51.85
N VAL C 15 9.55 -20.80 -51.66
CA VAL C 15 10.88 -20.21 -51.66
C VAL C 15 11.13 -19.51 -52.99
N GLY C 16 11.79 -18.36 -52.93
CA GLY C 16 12.05 -17.56 -54.10
C GLY C 16 10.94 -16.63 -54.52
N GLU C 17 9.70 -16.91 -54.10
CA GLU C 17 8.57 -16.07 -54.45
C GLU C 17 8.73 -14.69 -53.82
N LYS C 18 8.03 -13.71 -54.41
CA LYS C 18 8.08 -12.33 -53.95
C LYS C 18 6.93 -12.06 -52.98
N VAL C 19 7.27 -11.55 -51.80
CA VAL C 19 6.31 -11.30 -50.73
C VAL C 19 6.22 -9.81 -50.47
N THR C 20 5.00 -9.33 -50.24
CA THR C 20 4.79 -7.92 -49.91
C THR C 20 3.61 -7.82 -48.94
N MET C 21 3.90 -7.29 -47.75
CA MET C 21 2.91 -7.12 -46.68
C MET C 21 2.73 -5.63 -46.41
N SER C 22 1.50 -5.25 -46.04
CA SER C 22 1.14 -3.86 -45.82
C SER C 22 0.90 -3.59 -44.34
N CYS C 23 1.09 -2.33 -43.96
CA CYS C 23 0.89 -1.87 -42.58
C CYS C 23 0.22 -0.50 -42.66
N LYS C 24 -1.06 -0.45 -42.32
CA LYS C 24 -1.85 0.78 -42.41
C LYS C 24 -1.89 1.44 -41.03
N SER C 25 -1.34 2.66 -40.96
CA SER C 25 -1.32 3.41 -39.72
C SER C 25 -2.65 4.16 -39.57
N SER C 26 -2.71 5.06 -38.59
CA SER C 26 -3.88 5.92 -38.41
C SER C 26 -3.48 7.21 -37.69
N LYS C 36 8.57 9.68 -45.23
CA LYS C 36 9.76 9.51 -44.41
C LYS C 36 9.40 9.57 -42.93
N ASN C 37 8.33 8.89 -42.56
CA ASN C 37 7.90 8.85 -41.17
C ASN C 37 8.72 7.85 -40.36
N TYR C 38 8.64 7.98 -39.04
CA TYR C 38 9.40 7.12 -38.14
C TYR C 38 8.64 5.81 -37.95
N LEU C 39 8.87 4.87 -38.88
CA LEU C 39 8.32 3.53 -38.80
C LEU C 39 9.45 2.52 -38.71
N ALA C 40 9.16 1.37 -38.12
CA ALA C 40 10.13 0.30 -37.97
C ALA C 40 9.47 -1.04 -38.26
N TRP C 41 10.28 -2.00 -38.69
CA TRP C 41 9.85 -3.35 -38.98
C TRP C 41 10.76 -4.32 -38.23
N TYR C 42 10.14 -5.17 -37.40
CA TYR C 42 10.83 -6.19 -36.63
C TYR C 42 10.47 -7.58 -37.15
N GLN C 43 11.44 -8.48 -37.12
CA GLN C 43 11.27 -9.88 -37.46
C GLN C 43 11.51 -10.73 -36.22
N GLN C 44 10.50 -11.49 -35.81
CA GLN C 44 10.61 -12.41 -34.67
C GLN C 44 10.54 -13.84 -35.21
N LYS C 45 11.69 -14.52 -35.20
CA LYS C 45 11.73 -15.91 -35.62
C LYS C 45 11.26 -16.81 -34.47
N PRO C 46 10.74 -18.00 -34.80
CA PRO C 46 10.24 -18.90 -33.75
C PRO C 46 11.18 -19.07 -32.57
N GLY C 47 10.72 -18.68 -31.38
CA GLY C 47 11.44 -18.92 -30.15
C GLY C 47 12.47 -17.87 -29.80
N GLN C 48 12.45 -16.71 -30.44
CA GLN C 48 13.44 -15.67 -30.21
C GLN C 48 12.75 -14.32 -30.03
N SER C 49 13.52 -13.35 -29.54
CA SER C 49 13.00 -12.00 -29.38
C SER C 49 13.07 -11.25 -30.71
N PRO C 50 12.31 -10.17 -30.85
CA PRO C 50 12.30 -9.43 -32.12
C PRO C 50 13.66 -8.89 -32.49
N LYS C 51 13.89 -8.81 -33.80
CA LYS C 51 15.08 -8.19 -34.38
C LYS C 51 14.64 -7.04 -35.28
N LEU C 52 15.35 -5.91 -35.18
CA LEU C 52 14.97 -4.71 -35.92
C LEU C 52 15.49 -4.82 -37.35
N LEU C 53 14.58 -5.17 -38.28
CA LEU C 53 14.97 -5.24 -39.68
C LEU C 53 15.08 -3.85 -40.29
N ILE C 54 14.04 -3.03 -40.14
CA ILE C 54 13.98 -1.70 -40.76
C ILE C 54 13.77 -0.69 -39.64
N TYR C 55 14.53 0.42 -39.66
CA TYR C 55 14.48 1.37 -38.56
C TYR C 55 14.14 2.79 -38.98
N TRP C 56 13.58 3.00 -40.17
CA TRP C 56 13.01 4.30 -40.52
C TRP C 56 12.21 4.17 -41.82
N ALA C 57 11.14 3.38 -41.77
CA ALA C 57 10.26 3.13 -42.91
C ALA C 57 10.97 2.35 -44.02
N SER C 58 12.14 2.83 -44.47
CA SER C 58 12.84 2.20 -45.58
C SER C 58 14.33 2.01 -45.31
N THR C 59 14.79 2.16 -44.07
CA THR C 59 16.21 2.08 -43.73
C THR C 59 16.47 0.71 -43.12
N ARG C 60 17.19 -0.14 -43.85
CA ARG C 60 17.48 -1.47 -43.34
C ARG C 60 18.61 -1.42 -42.32
N GLU C 61 18.53 -2.34 -41.36
CA GLU C 61 19.52 -2.43 -40.28
C GLU C 61 20.82 -3.03 -40.80
N SER C 62 21.89 -2.82 -40.04
CA SER C 62 23.19 -3.38 -40.42
C SER C 62 23.11 -4.89 -40.51
N GLY C 63 23.61 -5.45 -41.61
CA GLY C 63 23.64 -6.87 -41.82
C GLY C 63 22.37 -7.48 -42.37
N VAL C 64 21.26 -6.73 -42.40
CA VAL C 64 20.02 -7.22 -42.98
C VAL C 64 20.23 -7.43 -44.47
N PRO C 65 20.02 -8.64 -44.98
CA PRO C 65 20.24 -8.88 -46.42
C PRO C 65 19.43 -7.92 -47.28
N ASP C 66 19.88 -7.78 -48.53
CA ASP C 66 19.34 -6.76 -49.41
C ASP C 66 17.91 -7.04 -49.87
N ARG C 67 17.44 -8.29 -49.76
CA ARG C 67 16.11 -8.60 -50.29
C ARG C 67 14.99 -7.96 -49.47
N PHE C 68 15.25 -7.62 -48.21
CA PHE C 68 14.25 -6.94 -47.38
C PHE C 68 14.22 -5.45 -47.76
N THR C 69 13.05 -4.95 -48.13
CA THR C 69 12.91 -3.54 -48.48
C THR C 69 11.63 -2.99 -47.86
N GLY C 70 11.75 -1.79 -47.28
CA GLY C 70 10.62 -1.08 -46.71
C GLY C 70 10.28 0.14 -47.56
N SER C 71 9.00 0.51 -47.56
CA SER C 71 8.54 1.65 -48.33
C SER C 71 7.32 2.25 -47.65
N GLY C 72 6.98 3.47 -48.05
CA GLY C 72 5.83 4.17 -47.50
C GLY C 72 6.19 5.54 -46.98
N SER C 73 5.22 6.44 -47.01
CA SER C 73 5.42 7.80 -46.54
C SER C 73 4.21 8.27 -45.73
N GLY C 74 3.02 8.12 -46.31
CA GLY C 74 1.80 8.48 -45.62
C GLY C 74 1.43 7.49 -44.54
N THR C 75 0.14 7.42 -44.20
CA THR C 75 -0.31 6.51 -43.14
C THR C 75 -0.19 5.04 -43.53
N ASP C 76 0.15 4.74 -44.78
CA ASP C 76 0.32 3.37 -45.24
C ASP C 76 1.80 3.09 -45.47
N PHE C 77 2.21 1.86 -45.19
CA PHE C 77 3.59 1.43 -45.37
C PHE C 77 3.60 -0.01 -45.84
N THR C 78 4.79 -0.47 -46.25
CA THR C 78 4.91 -1.78 -46.88
C THR C 78 6.29 -2.36 -46.61
N LEU C 79 6.32 -3.67 -46.35
CA LEU C 79 7.56 -4.43 -46.28
C LEU C 79 7.52 -5.49 -47.38
N THR C 80 8.69 -5.80 -47.94
CA THR C 80 8.74 -6.74 -49.05
C THR C 80 10.02 -7.56 -48.98
N ILE C 81 9.90 -8.84 -49.33
CA ILE C 81 11.03 -9.75 -49.47
C ILE C 81 11.05 -10.23 -50.91
N SER C 82 12.17 -9.98 -51.60
CA SER C 82 12.28 -10.33 -53.02
C SER C 82 12.41 -11.84 -53.20
N SER C 83 13.54 -12.40 -52.76
CA SER C 83 13.80 -13.84 -52.89
C SER C 83 13.68 -14.46 -51.50
N VAL C 84 12.47 -14.97 -51.20
CA VAL C 84 12.23 -15.57 -49.90
C VAL C 84 13.11 -16.80 -49.72
N LYS C 85 13.47 -17.07 -48.46
CA LYS C 85 14.26 -18.24 -48.10
C LYS C 85 13.63 -18.91 -46.90
N ALA C 86 13.96 -20.19 -46.72
CA ALA C 86 13.37 -20.97 -45.63
C ALA C 86 13.64 -20.33 -44.28
N GLU C 87 14.78 -19.64 -44.12
CA GLU C 87 15.10 -19.04 -42.84
C GLU C 87 14.21 -17.84 -42.54
N ASP C 88 13.67 -17.19 -43.56
CA ASP C 88 12.83 -16.02 -43.37
C ASP C 88 11.49 -16.35 -42.70
N LEU C 89 11.24 -17.61 -42.38
CA LEU C 89 10.05 -17.99 -41.64
C LEU C 89 10.03 -17.29 -40.29
N ALA C 90 9.01 -16.44 -40.07
CA ALA C 90 8.91 -15.69 -38.84
C ALA C 90 7.66 -14.82 -38.82
N VAL C 91 7.41 -14.13 -37.71
CA VAL C 91 6.34 -13.14 -37.63
C VAL C 91 6.96 -11.77 -37.80
N TYR C 92 6.19 -10.84 -38.38
CA TYR C 92 6.70 -9.51 -38.70
C TYR C 92 5.80 -8.46 -38.10
N TYR C 93 6.41 -7.50 -37.39
CA TYR C 93 5.68 -6.45 -36.71
C TYR C 93 6.10 -5.09 -37.26
N CYS C 94 5.14 -4.19 -37.42
CA CYS C 94 5.41 -2.82 -37.81
C CYS C 94 5.08 -1.89 -36.64
N GLN C 95 6.04 -1.03 -36.29
CA GLN C 95 5.95 -0.19 -35.10
C GLN C 95 6.08 1.27 -35.49
N GLN C 96 5.17 2.10 -34.98
CA GLN C 96 5.28 3.55 -35.05
C GLN C 96 5.18 4.09 -33.63
N TYR C 97 6.26 4.69 -33.14
CA TYR C 97 6.30 5.19 -31.77
C TYR C 97 6.04 4.06 -30.78
N GLU C 98 4.88 4.07 -30.11
CA GLU C 98 4.61 3.13 -29.03
C GLU C 98 3.56 2.09 -29.40
N MET C 99 3.28 1.92 -30.69
CA MET C 99 2.22 1.03 -31.16
C MET C 99 2.80 -0.02 -32.09
N PHE C 100 2.43 -1.28 -31.87
CA PHE C 100 2.84 -2.40 -32.70
C PHE C 100 1.63 -2.96 -33.44
N GLY C 101 1.87 -3.42 -34.67
CA GLY C 101 0.80 -3.87 -35.53
C GLY C 101 0.31 -5.28 -35.26
N GLY C 102 1.25 -6.21 -35.03
CA GLY C 102 0.89 -7.59 -34.86
C GLY C 102 0.66 -8.30 -36.18
N GLY C 103 0.40 -9.60 -36.09
CA GLY C 103 0.07 -10.37 -37.27
C GLY C 103 1.22 -10.52 -38.25
N THR C 104 0.83 -10.96 -39.46
CA THR C 104 1.76 -11.17 -40.57
C THR C 104 2.77 -12.27 -40.22
N LYS C 105 2.24 -13.48 -40.11
CA LYS C 105 3.06 -14.68 -39.96
C LYS C 105 3.38 -15.23 -41.34
N LEU C 106 4.66 -15.33 -41.66
CA LEU C 106 5.10 -15.77 -42.98
C LEU C 106 5.32 -17.28 -42.95
N GLU C 107 4.39 -18.02 -43.54
CA GLU C 107 4.50 -19.46 -43.68
C GLU C 107 5.17 -19.80 -45.01
N ILE C 108 5.59 -21.06 -45.14
CA ILE C 108 6.36 -21.52 -46.28
C ILE C 108 5.62 -22.66 -46.96
N LYS C 109 5.53 -22.59 -48.29
CA LYS C 109 5.01 -23.70 -49.08
C LYS C 109 6.13 -24.70 -49.37
N ARG C 110 5.74 -25.94 -49.63
CA ARG C 110 6.72 -27.02 -49.73
C ARG C 110 6.08 -28.21 -50.42
N THR C 111 6.93 -29.02 -51.05
CA THR C 111 6.47 -30.28 -51.61
C THR C 111 5.99 -31.21 -50.51
N VAL C 112 5.05 -32.09 -50.86
CA VAL C 112 4.49 -33.00 -49.87
C VAL C 112 5.58 -33.93 -49.35
N ALA C 113 5.51 -34.25 -48.07
CA ALA C 113 6.45 -35.15 -47.43
C ALA C 113 5.70 -36.07 -46.47
N ALA C 114 5.72 -37.36 -46.75
CA ALA C 114 5.00 -38.30 -45.90
C ALA C 114 5.67 -38.38 -44.52
N PRO C 115 4.89 -38.54 -43.45
CA PRO C 115 5.49 -38.60 -42.12
C PRO C 115 6.22 -39.91 -41.88
N SER C 116 7.22 -39.84 -41.01
CA SER C 116 7.90 -41.03 -40.51
C SER C 116 7.27 -41.40 -39.17
N VAL C 117 6.68 -42.58 -39.09
CA VAL C 117 5.94 -43.00 -37.91
C VAL C 117 6.86 -43.77 -36.99
N PHE C 118 6.84 -43.43 -35.71
CA PHE C 118 7.56 -44.16 -34.67
C PHE C 118 6.67 -44.28 -33.44
N ILE C 119 6.87 -45.34 -32.67
CA ILE C 119 6.07 -45.60 -31.48
C ILE C 119 6.99 -45.95 -30.32
N PHE C 120 6.78 -45.29 -29.19
CA PHE C 120 7.59 -45.47 -27.98
C PHE C 120 6.71 -45.99 -26.86
N PRO C 121 6.93 -47.20 -26.35
CA PRO C 121 6.20 -47.64 -25.16
C PRO C 121 6.64 -46.87 -23.93
N PRO C 122 5.99 -47.06 -22.80
CA PRO C 122 6.36 -46.32 -21.59
C PRO C 122 7.61 -46.88 -20.94
N SER C 123 8.22 -46.05 -20.10
CA SER C 123 9.41 -46.42 -19.35
C SER C 123 9.00 -47.11 -18.06
N ASP C 124 9.81 -48.09 -17.64
CA ASP C 124 9.54 -48.77 -16.37
C ASP C 124 9.52 -47.79 -15.22
N GLU C 125 10.26 -46.68 -15.33
CA GLU C 125 10.18 -45.62 -14.33
C GLU C 125 8.76 -45.08 -14.22
N GLN C 126 8.18 -44.69 -15.35
CA GLN C 126 6.81 -44.18 -15.34
C GLN C 126 5.84 -45.25 -14.83
N LEU C 127 6.08 -46.51 -15.20
CA LEU C 127 5.22 -47.59 -14.71
C LEU C 127 5.29 -47.68 -13.19
N LYS C 128 6.48 -47.49 -12.61
CA LYS C 128 6.60 -47.42 -11.16
C LYS C 128 5.84 -46.22 -10.61
N SER C 129 5.82 -45.10 -11.36
CA SER C 129 5.07 -43.94 -10.90
C SER C 129 3.58 -44.25 -10.80
N GLY C 130 3.06 -45.04 -11.74
CA GLY C 130 1.65 -45.39 -11.74
C GLY C 130 0.99 -45.19 -13.07
N THR C 131 1.46 -44.20 -13.83
CA THR C 131 0.94 -43.92 -15.16
C THR C 131 1.72 -44.70 -16.21
N ALA C 132 1.13 -44.79 -17.41
CA ALA C 132 1.75 -45.49 -18.54
C ALA C 132 1.42 -44.70 -19.79
N SER C 133 2.43 -44.05 -20.38
CA SER C 133 2.23 -43.16 -21.51
C SER C 133 2.94 -43.74 -22.73
N VAL C 134 2.18 -44.07 -23.76
CA VAL C 134 2.71 -44.45 -25.06
C VAL C 134 2.78 -43.20 -25.91
N VAL C 135 3.81 -43.11 -26.76
CA VAL C 135 4.02 -41.94 -27.60
C VAL C 135 4.04 -42.39 -29.06
N CYS C 136 3.42 -41.59 -29.93
CA CYS C 136 3.48 -41.79 -31.37
C CYS C 136 4.04 -40.53 -32.01
N LEU C 137 5.12 -40.68 -32.76
CA LEU C 137 5.88 -39.58 -33.34
C LEU C 137 5.74 -39.64 -34.86
N LEU C 138 5.08 -38.65 -35.45
CA LEU C 138 5.06 -38.44 -36.89
C LEU C 138 6.12 -37.37 -37.17
N ASN C 139 7.22 -37.76 -37.81
CA ASN C 139 8.40 -36.91 -37.96
C ASN C 139 8.51 -36.41 -39.39
N ASN C 140 8.83 -35.12 -39.51
CA ASN C 140 9.18 -34.46 -40.76
C ASN C 140 8.23 -34.79 -41.92
N PHE C 141 6.98 -34.35 -41.75
CA PHE C 141 5.95 -34.47 -42.78
C PHE C 141 5.48 -33.08 -43.23
N TYR C 142 4.69 -33.03 -44.35
CA TYR C 142 4.08 -31.81 -44.84
C TYR C 142 2.93 -32.10 -45.79
N PRO C 143 1.81 -31.33 -45.76
CA PRO C 143 1.36 -30.18 -44.94
C PRO C 143 0.96 -30.51 -43.48
N ARG C 144 0.41 -29.54 -42.72
CA ARG C 144 0.15 -29.79 -41.30
C ARG C 144 -0.89 -30.88 -41.08
N GLU C 145 -1.85 -31.00 -42.00
CA GLU C 145 -3.00 -31.87 -41.76
C GLU C 145 -2.56 -33.32 -41.66
N ALA C 146 -2.82 -33.94 -40.51
CA ALA C 146 -2.50 -35.34 -40.29
C ALA C 146 -3.32 -35.85 -39.12
N LYS C 147 -3.85 -37.05 -39.25
CA LYS C 147 -4.76 -37.63 -38.25
C LYS C 147 -4.08 -38.81 -37.56
N VAL C 148 -4.27 -38.90 -36.24
CA VAL C 148 -3.67 -39.95 -35.43
C VAL C 148 -4.77 -40.63 -34.63
N GLN C 149 -4.84 -41.95 -34.72
CA GLN C 149 -5.79 -42.75 -33.95
C GLN C 149 -5.02 -43.78 -33.12
N TRP C 150 -5.55 -44.06 -31.94
CA TRP C 150 -4.95 -44.99 -31.00
C TRP C 150 -5.86 -46.19 -30.81
N LYS C 151 -5.31 -47.40 -30.97
CA LYS C 151 -6.08 -48.62 -30.80
C LYS C 151 -5.42 -49.52 -29.76
N VAL C 152 -6.24 -50.03 -28.85
CA VAL C 152 -5.82 -51.01 -27.85
C VAL C 152 -6.53 -52.32 -28.18
N ASP C 153 -5.74 -53.38 -28.41
CA ASP C 153 -6.28 -54.67 -28.84
C ASP C 153 -7.26 -54.49 -30.00
N ASN C 154 -6.85 -53.65 -30.97
CA ASN C 154 -7.65 -53.38 -32.15
C ASN C 154 -9.03 -52.87 -31.77
N ALA C 155 -9.06 -51.82 -30.96
CA ALA C 155 -10.30 -51.16 -30.56
C ALA C 155 -10.05 -49.66 -30.47
N LEU C 156 -10.85 -48.88 -31.19
CA LEU C 156 -10.65 -47.44 -31.23
C LEU C 156 -10.76 -46.84 -29.83
N GLN C 157 -9.92 -45.84 -29.57
CA GLN C 157 -9.87 -45.15 -28.29
C GLN C 157 -10.38 -43.73 -28.44
N SER C 158 -10.63 -43.09 -27.30
CA SER C 158 -11.11 -41.72 -27.27
C SER C 158 -11.02 -41.18 -25.86
N GLY C 159 -10.61 -39.91 -25.74
CA GLY C 159 -10.56 -39.22 -24.47
C GLY C 159 -9.27 -39.41 -23.68
N ASN C 160 -8.37 -40.26 -24.15
CA ASN C 160 -7.16 -40.60 -23.40
C ASN C 160 -5.89 -40.28 -24.20
N SER C 161 -5.95 -39.28 -25.07
CA SER C 161 -4.82 -38.93 -25.91
C SER C 161 -4.74 -37.43 -26.09
N GLN C 162 -3.52 -36.92 -26.24
CA GLN C 162 -3.28 -35.51 -26.49
C GLN C 162 -2.12 -35.37 -27.47
N GLU C 163 -2.30 -34.52 -28.48
CA GLU C 163 -1.29 -34.36 -29.52
C GLU C 163 -0.82 -32.91 -29.59
N SER C 164 0.38 -32.74 -30.17
CA SER C 164 0.97 -31.42 -30.36
C SER C 164 1.78 -31.43 -31.64
N VAL C 165 1.64 -30.37 -32.43
CA VAL C 165 2.37 -30.18 -33.68
C VAL C 165 3.45 -29.14 -33.46
N THR C 166 4.64 -29.39 -33.99
CA THR C 166 5.73 -28.42 -33.87
C THR C 166 5.49 -27.24 -34.81
N GLU C 167 6.24 -26.17 -34.57
CA GLU C 167 6.29 -25.07 -35.52
C GLU C 167 7.07 -25.50 -36.76
N GLN C 168 6.70 -24.94 -37.90
CA GLN C 168 7.37 -25.26 -39.15
C GLN C 168 8.87 -25.06 -39.03
N ASP C 169 9.62 -26.13 -39.19
CA ASP C 169 11.07 -26.07 -39.03
C ASP C 169 11.67 -25.02 -39.97
N SER C 170 12.79 -24.42 -39.54
CA SER C 170 13.37 -23.32 -40.29
C SER C 170 14.20 -23.81 -41.48
N LYS C 171 14.75 -25.02 -41.41
CA LYS C 171 15.64 -25.51 -42.46
C LYS C 171 14.87 -26.20 -43.58
N ASP C 172 14.08 -27.23 -43.23
CA ASP C 172 13.36 -28.01 -44.22
C ASP C 172 11.87 -27.67 -44.29
N SER C 173 11.38 -26.77 -43.44
CA SER C 173 10.01 -26.27 -43.53
C SER C 173 9.00 -27.40 -43.42
N THR C 174 9.23 -28.32 -42.48
CA THR C 174 8.37 -29.48 -42.30
C THR C 174 7.90 -29.56 -40.86
N TYR C 175 6.62 -29.88 -40.68
CA TYR C 175 6.03 -30.01 -39.36
C TYR C 175 6.33 -31.39 -38.78
N SER C 176 6.11 -31.52 -37.47
CA SER C 176 6.31 -32.78 -36.76
C SER C 176 5.30 -32.84 -35.62
N LEU C 177 4.66 -33.99 -35.47
CA LEU C 177 3.57 -34.18 -34.53
C LEU C 177 3.89 -35.30 -33.56
N SER C 178 3.41 -35.15 -32.32
CA SER C 178 3.55 -36.20 -31.32
C SER C 178 2.24 -36.32 -30.55
N SER C 179 1.71 -37.53 -30.46
CA SER C 179 0.49 -37.81 -29.71
C SER C 179 0.82 -38.77 -28.58
N THR C 180 0.50 -38.38 -27.36
CA THR C 180 0.72 -39.21 -26.18
C THR C 180 -0.61 -39.77 -25.70
N LEU C 181 -0.67 -41.07 -25.53
CA LEU C 181 -1.80 -41.78 -24.96
C LEU C 181 -1.43 -42.22 -23.56
N THR C 182 -2.12 -41.68 -22.55
CA THR C 182 -1.81 -41.93 -21.15
C THR C 182 -2.90 -42.80 -20.53
N LEU C 183 -2.48 -43.90 -19.92
CA LEU C 183 -3.37 -44.82 -19.22
C LEU C 183 -2.80 -45.10 -17.84
N SER C 184 -3.50 -45.94 -17.09
CA SER C 184 -3.00 -46.41 -15.80
C SER C 184 -2.21 -47.69 -15.99
N LYS C 185 -1.31 -47.95 -15.04
CA LYS C 185 -0.52 -49.18 -15.09
C LYS C 185 -1.42 -50.40 -15.17
N ALA C 186 -2.48 -50.43 -14.35
CA ALA C 186 -3.43 -51.54 -14.40
C ALA C 186 -4.11 -51.60 -15.77
N ASP C 187 -4.77 -50.51 -16.16
CA ASP C 187 -5.42 -50.47 -17.46
C ASP C 187 -4.45 -50.82 -18.59
N TYR C 188 -3.18 -50.45 -18.42
CA TYR C 188 -2.18 -50.75 -19.44
C TYR C 188 -1.88 -52.25 -19.49
N GLU C 189 -1.75 -52.90 -18.34
CA GLU C 189 -1.41 -54.31 -18.28
C GLU C 189 -2.59 -55.23 -18.59
N LYS C 190 -3.77 -54.69 -18.87
CA LYS C 190 -4.93 -55.50 -19.20
C LYS C 190 -5.12 -55.65 -20.71
N HIS C 191 -4.12 -55.29 -21.50
CA HIS C 191 -4.18 -55.46 -22.95
C HIS C 191 -2.77 -55.75 -23.46
N LYS C 192 -2.69 -56.32 -24.66
CA LYS C 192 -1.41 -56.72 -25.25
C LYS C 192 -0.95 -55.78 -26.35
N VAL C 193 -1.80 -55.47 -27.33
CA VAL C 193 -1.40 -54.69 -28.49
C VAL C 193 -1.71 -53.22 -28.26
N TYR C 194 -0.80 -52.36 -28.69
CA TYR C 194 -1.01 -50.92 -28.69
C TYR C 194 -0.55 -50.40 -30.05
N ALA C 195 -1.46 -49.77 -30.80
CA ALA C 195 -1.22 -49.43 -32.18
C ALA C 195 -1.53 -47.96 -32.45
N CYS C 196 -0.66 -47.32 -33.24
CA CYS C 196 -0.84 -45.94 -33.68
C CYS C 196 -1.10 -45.97 -35.19
N GLU C 197 -2.24 -45.43 -35.59
CA GLU C 197 -2.64 -45.35 -37.00
C GLU C 197 -2.57 -43.90 -37.45
N VAL C 198 -1.84 -43.66 -38.54
CA VAL C 198 -1.55 -42.32 -39.03
C VAL C 198 -2.17 -42.16 -40.42
N THR C 199 -2.73 -40.97 -40.66
CA THR C 199 -3.32 -40.62 -41.94
C THR C 199 -2.74 -39.30 -42.40
N HIS C 200 -2.26 -39.26 -43.65
CA HIS C 200 -1.64 -38.07 -44.20
C HIS C 200 -1.84 -38.06 -45.72
N GLN C 201 -1.65 -36.90 -46.32
CA GLN C 201 -1.83 -36.76 -47.77
C GLN C 201 -0.85 -37.66 -48.53
N GLY C 202 0.39 -37.71 -48.09
CA GLY C 202 1.41 -38.49 -48.77
C GLY C 202 1.41 -39.95 -48.38
N LEU C 203 0.24 -40.45 -47.95
CA LEU C 203 0.08 -41.84 -47.56
C LEU C 203 -1.27 -42.32 -48.08
N SER C 204 -1.25 -43.06 -49.20
CA SER C 204 -2.49 -43.59 -49.76
C SER C 204 -3.23 -44.44 -48.74
N SER C 205 -2.51 -45.36 -48.08
CA SER C 205 -3.08 -46.18 -47.03
C SER C 205 -2.58 -45.70 -45.67
N PRO C 206 -3.45 -45.58 -44.67
CA PRO C 206 -2.98 -45.14 -43.35
C PRO C 206 -1.87 -46.04 -42.83
N VAL C 207 -0.77 -45.41 -42.39
CA VAL C 207 0.29 -46.17 -41.74
C VAL C 207 -0.24 -46.69 -40.42
N THR C 208 0.27 -47.85 -39.99
CA THR C 208 -0.16 -48.46 -38.73
C THR C 208 1.08 -49.05 -38.06
N LYS C 209 1.74 -48.25 -37.23
CA LYS C 209 2.91 -48.73 -36.50
C LYS C 209 2.44 -49.07 -35.09
N SER C 210 2.66 -50.32 -34.69
CA SER C 210 2.11 -50.83 -33.44
C SER C 210 3.18 -51.63 -32.73
N PHE C 211 2.83 -52.11 -31.54
CA PHE C 211 3.71 -53.00 -30.79
C PHE C 211 2.83 -53.81 -29.84
N ASN C 212 3.45 -54.79 -29.20
CA ASN C 212 2.80 -55.60 -28.18
C ASN C 212 3.81 -55.93 -27.11
N ARG C 213 3.35 -55.93 -25.86
CA ARG C 213 4.23 -56.05 -24.70
C ARG C 213 4.93 -57.41 -24.61
N GLY C 214 4.79 -58.28 -25.60
CA GLY C 214 5.49 -59.54 -25.61
C GLY C 214 7.00 -59.38 -25.67
N THR D 2 -17.76 47.84 48.25
CA THR D 2 -17.68 47.47 46.83
C THR D 2 -17.07 46.07 46.71
N ILE D 3 -15.99 45.94 45.93
CA ILE D 3 -15.26 44.69 45.81
C ILE D 3 -14.09 44.74 46.78
N THR D 4 -13.78 43.60 47.40
CA THR D 4 -12.67 43.47 48.35
C THR D 4 -11.91 42.19 48.01
N LEU D 5 -10.76 42.34 47.35
CA LEU D 5 -9.95 41.21 46.96
C LEU D 5 -8.75 41.09 47.89
N PRO D 6 -8.59 40.00 48.62
CA PRO D 6 -7.49 39.91 49.59
C PRO D 6 -6.15 39.64 48.92
N CYS D 7 -5.12 40.33 49.39
CA CYS D 7 -3.74 40.12 48.99
C CYS D 7 -2.96 39.58 50.17
N ARG D 8 -2.10 38.60 49.93
CA ARG D 8 -1.35 37.99 51.03
C ARG D 8 -0.38 39.01 51.61
N PRO D 9 0.71 39.36 50.94
CA PRO D 9 1.46 40.56 51.38
C PRO D 9 0.60 41.81 51.27
N ALA D 10 0.54 42.56 52.35
CA ALA D 10 -0.22 43.81 52.37
C ALA D 10 0.40 44.82 51.40
N PRO D 11 -0.22 45.09 50.26
CA PRO D 11 0.37 46.06 49.32
C PRO D 11 0.17 47.48 49.82
N PRO D 12 1.27 48.18 50.15
CA PRO D 12 1.10 49.53 50.67
C PRO D 12 0.33 50.40 49.71
N PRO D 13 -0.38 51.42 50.22
CA PRO D 13 -1.05 52.36 49.30
C PRO D 13 -0.11 52.96 48.28
N HIS D 14 1.17 53.13 48.62
CA HIS D 14 2.13 53.63 47.64
C HIS D 14 2.25 52.67 46.46
N CYS D 15 2.19 51.37 46.72
CA CYS D 15 2.24 50.36 45.66
C CYS D 15 0.86 50.23 44.99
N SER D 16 0.42 51.33 44.40
CA SER D 16 -0.81 51.39 43.64
C SER D 16 -0.52 52.04 42.29
N SER D 17 -1.15 51.50 41.24
CA SER D 17 -0.92 51.99 39.88
C SER D 17 -2.24 52.09 39.15
N ASN D 18 -2.21 52.00 37.82
CA ASN D 18 -3.41 52.03 37.01
C ASN D 18 -3.47 50.80 36.14
N ILE D 19 -4.67 50.23 35.99
CA ILE D 19 -4.86 49.04 35.15
C ILE D 19 -4.89 49.48 33.69
N THR D 20 -4.16 48.75 32.85
CA THR D 20 -4.05 49.10 31.44
C THR D 20 -4.11 47.84 30.57
N GLY D 21 -5.04 46.95 30.88
CA GLY D 21 -5.28 45.76 30.09
C GLY D 21 -5.39 44.53 30.95
N LEU D 22 -5.42 43.38 30.28
CA LEU D 22 -5.50 42.08 30.94
C LEU D 22 -5.15 41.01 29.90
N ILE D 23 -5.08 39.76 30.36
CA ILE D 23 -4.84 38.61 29.50
C ILE D 23 -5.82 37.53 29.89
N LEU D 24 -6.55 36.99 28.91
CA LEU D 24 -7.53 35.95 29.15
C LEU D 24 -7.22 34.73 28.29
N THR D 25 -7.98 33.66 28.54
CA THR D 25 -7.90 32.43 27.78
C THR D 25 -9.33 31.90 27.63
N ARG D 26 -9.65 31.48 26.41
CA ARG D 26 -10.97 30.95 26.11
C ARG D 26 -11.05 29.48 26.49
N GLN D 27 -12.15 29.09 27.11
CA GLN D 27 -12.35 27.71 27.52
C GLN D 27 -12.80 26.90 26.31
N GLY D 28 -12.02 25.88 25.96
CA GLY D 28 -12.35 25.04 24.83
C GLY D 28 -13.41 24.00 25.15
N GLY D 29 -13.91 23.36 24.11
CA GLY D 29 -14.93 22.33 24.23
C GLY D 29 -16.22 22.75 23.55
N TYR D 30 -17.21 21.86 23.67
CA TYR D 30 -18.54 22.07 23.09
C TYR D 30 -19.54 22.17 24.23
N SER D 31 -20.23 23.30 24.32
CA SER D 31 -21.23 23.55 25.35
C SER D 31 -22.58 23.72 24.70
N ASN D 32 -23.55 22.89 25.11
CA ASN D 32 -24.90 22.98 24.58
C ASN D 32 -25.56 24.28 25.04
N ASP D 33 -25.06 25.41 24.54
CA ASP D 33 -25.58 26.72 24.91
C ASP D 33 -24.86 27.81 24.14
N ASN D 34 -25.53 28.95 23.94
CA ASN D 34 -24.94 30.09 23.24
C ASN D 34 -24.00 30.86 24.19
N THR D 35 -23.04 30.13 24.74
CA THR D 35 -22.17 30.63 25.79
C THR D 35 -20.71 30.47 25.39
N VAL D 36 -19.91 31.49 25.72
CA VAL D 36 -18.47 31.47 25.56
C VAL D 36 -17.86 31.90 26.89
N ILE D 37 -17.07 31.02 27.50
CA ILE D 37 -16.48 31.26 28.81
C ILE D 37 -15.05 31.73 28.63
N PHE D 38 -14.63 32.69 29.46
CA PHE D 38 -13.27 33.20 29.45
C PHE D 38 -12.75 33.20 30.88
N ARG D 39 -11.49 32.82 31.05
CA ARG D 39 -10.85 32.79 32.35
C ARG D 39 -9.53 33.54 32.27
N PRO D 40 -8.93 33.89 33.41
CA PRO D 40 -7.62 34.55 33.37
C PRO D 40 -6.58 33.63 32.75
N SER D 41 -5.45 34.24 32.37
CA SER D 41 -4.42 33.53 31.63
C SER D 41 -3.99 32.27 32.36
N GLY D 42 -3.78 31.20 31.59
CA GLY D 42 -3.23 29.97 32.12
C GLY D 42 -1.80 29.79 31.66
N GLY D 43 -1.43 30.47 30.58
CA GLY D 43 -0.07 30.39 30.06
C GLY D 43 0.96 30.92 31.03
N ASP D 44 2.22 30.95 30.61
CA ASP D 44 3.33 31.35 31.45
C ASP D 44 3.71 32.80 31.14
N TRP D 45 4.92 33.21 31.57
CA TRP D 45 5.36 34.58 31.34
C TRP D 45 5.43 34.92 29.86
N ARG D 46 5.62 33.91 29.00
CA ARG D 46 5.68 34.18 27.57
C ARG D 46 4.34 34.69 27.05
N ASP D 47 3.24 34.19 27.60
CA ASP D 47 1.92 34.66 27.19
C ASP D 47 1.71 36.12 27.54
N ILE D 48 2.35 36.60 28.62
CA ILE D 48 2.25 38.01 28.96
C ILE D 48 3.21 38.84 28.13
N ALA D 49 4.40 38.28 27.83
CA ALA D 49 5.37 39.02 27.04
C ALA D 49 4.93 39.21 25.60
N ARG D 50 4.20 38.23 25.05
CA ARG D 50 3.74 38.34 23.67
C ARG D 50 2.58 39.32 23.49
N CYS D 51 2.19 40.07 24.52
CA CYS D 51 1.15 41.07 24.37
C CYS D 51 1.69 42.43 23.96
N GLN D 52 2.95 42.72 24.29
CA GLN D 52 3.60 43.98 23.92
C GLN D 52 2.88 45.19 24.51
N ILE D 53 2.19 44.98 25.63
CA ILE D 53 1.57 46.09 26.37
C ILE D 53 2.67 46.68 27.26
N ALA D 54 3.31 47.74 26.77
CA ALA D 54 4.47 48.30 27.46
C ALA D 54 4.10 48.75 28.87
N GLY D 55 4.86 48.27 29.85
CA GLY D 55 4.66 48.65 31.23
C GLY D 55 5.95 48.63 32.02
N THR D 56 6.10 49.57 32.94
CA THR D 56 7.29 49.65 33.78
C THR D 56 7.25 48.72 34.98
N VAL D 57 6.26 47.84 35.05
CA VAL D 57 6.10 46.92 36.18
C VAL D 57 5.90 45.51 35.64
N VAL D 58 6.46 44.53 36.34
CA VAL D 58 6.38 43.13 35.96
C VAL D 58 5.28 42.50 36.80
N SER D 59 4.11 42.30 36.20
CA SER D 59 2.96 41.74 36.87
C SER D 59 2.37 40.60 36.04
N THR D 60 1.41 39.89 36.63
CA THR D 60 0.76 38.78 35.97
C THR D 60 -0.76 38.97 36.00
N GLN D 61 -1.43 38.31 35.06
CA GLN D 61 -2.89 38.30 35.00
C GLN D 61 -3.44 39.63 34.51
N LEU D 62 -3.15 40.72 35.24
CA LEU D 62 -3.64 42.05 34.89
C LEU D 62 -2.46 43.00 34.74
N PHE D 63 -2.51 43.82 33.69
CA PHE D 63 -1.47 44.82 33.48
C PHE D 63 -1.64 45.98 34.46
N LEU D 64 -0.53 46.63 34.79
CA LEU D 64 -0.53 47.73 35.74
C LEU D 64 0.37 48.83 35.20
N ASN D 65 -0.20 50.03 35.03
CA ASN D 65 0.53 51.18 34.49
C ASN D 65 1.12 50.85 33.12
N GLY D 66 0.29 50.35 32.23
CA GLY D 66 0.67 50.11 30.85
C GLY D 66 0.37 51.31 29.97
N SER D 67 0.39 51.07 28.67
CA SER D 67 0.09 52.11 27.69
C SER D 67 -1.38 52.03 27.32
N LEU D 68 -2.16 53.02 27.76
CA LEU D 68 -3.59 53.02 27.51
C LEU D 68 -3.87 53.16 26.01
N ALA D 69 -5.12 52.89 25.65
CA ALA D 69 -5.56 52.97 24.27
C ALA D 69 -6.18 54.33 23.97
N GLU D 70 -6.51 54.55 22.71
CA GLU D 70 -7.03 55.85 22.27
C GLU D 70 -8.51 55.98 22.61
N GLU D 71 -9.39 55.32 21.85
CA GLU D 71 -10.82 55.47 22.00
C GLU D 71 -11.46 54.22 22.58
N GLU D 72 -11.46 53.11 21.84
CA GLU D 72 -12.12 51.88 22.26
C GLU D 72 -11.10 50.91 22.85
N VAL D 73 -11.58 49.72 23.19
CA VAL D 73 -10.75 48.69 23.81
C VAL D 73 -10.18 47.80 22.70
N VAL D 74 -8.85 47.72 22.63
CA VAL D 74 -8.17 46.87 21.66
C VAL D 74 -8.07 45.47 22.22
N ILE D 75 -8.16 44.47 21.34
CA ILE D 75 -8.07 43.07 21.73
C ILE D 75 -7.29 42.35 20.64
N ARG D 76 -6.18 41.71 21.02
CA ARG D 76 -5.30 41.04 20.06
C ARG D 76 -5.02 39.62 20.53
N SER D 77 -5.13 38.67 19.62
CA SER D 77 -4.85 37.27 19.92
C SER D 77 -4.08 36.67 18.76
N GLU D 78 -3.01 35.94 19.08
CA GLU D 78 -2.26 35.23 18.04
C GLU D 78 -3.14 34.26 17.27
N ASP D 79 -4.26 33.83 17.86
CA ASP D 79 -5.21 32.95 17.19
C ASP D 79 -6.50 32.91 18.00
N TRP D 80 -7.64 33.03 17.33
CA TRP D 80 -8.93 33.08 18.01
C TRP D 80 -9.53 31.71 18.23
N ARG D 81 -9.41 30.81 17.25
CA ARG D 81 -9.93 29.45 17.40
C ARG D 81 -9.03 28.57 18.25
N ASP D 82 -7.77 28.94 18.43
CA ASP D 82 -6.83 28.20 19.26
C ASP D 82 -6.95 28.68 20.70
N ASN D 83 -7.40 27.79 21.59
CA ASN D 83 -7.57 28.17 22.99
C ASN D 83 -6.24 28.21 23.74
N ALA D 84 -5.25 27.43 23.30
CA ALA D 84 -3.95 27.42 23.94
C ALA D 84 -3.21 28.75 23.80
N LYS D 85 -3.67 29.64 22.93
CA LYS D 85 -3.09 30.97 22.77
C LYS D 85 -4.02 31.98 23.44
N SER D 86 -3.48 32.76 24.36
CA SER D 86 -4.28 33.70 25.13
C SER D 86 -4.67 34.90 24.27
N ILE D 87 -5.55 35.73 24.84
CA ILE D 87 -6.03 36.95 24.20
C ILE D 87 -5.63 38.13 25.10
N CYS D 88 -4.83 39.04 24.55
CA CYS D 88 -4.43 40.25 25.25
C CYS D 88 -5.48 41.34 25.04
N VAL D 89 -5.69 42.16 26.06
CA VAL D 89 -6.72 43.19 26.05
C VAL D 89 -6.10 44.49 26.53
N GLN D 90 -6.17 45.52 25.70
CA GLN D 90 -5.74 46.87 26.05
C GLN D 90 -6.98 47.73 26.23
N LEU D 91 -7.07 48.42 27.37
CA LEU D 91 -8.25 49.17 27.72
C LEU D 91 -8.16 50.61 27.25
N ASN D 92 -9.32 51.18 26.94
CA ASN D 92 -9.38 52.60 26.59
C ASN D 92 -9.19 53.47 27.82
N THR D 93 -9.75 53.05 28.96
CA THR D 93 -9.62 53.75 30.22
C THR D 93 -8.75 52.92 31.17
N SER D 94 -8.70 53.33 32.44
CA SER D 94 -7.93 52.63 33.46
C SER D 94 -8.80 52.45 34.69
N VAL D 95 -8.91 51.20 35.15
CA VAL D 95 -9.67 50.90 36.36
C VAL D 95 -8.82 51.26 37.57
N GLU D 96 -9.38 52.08 38.46
CA GLU D 96 -8.62 52.58 39.59
C GLU D 96 -8.14 51.44 40.48
N ILE D 97 -6.92 51.58 40.99
CA ILE D 97 -6.32 50.61 41.90
C ILE D 97 -6.16 51.32 43.25
N ASN D 98 -7.08 51.04 44.17
CA ASN D 98 -7.04 51.61 45.52
C ASN D 98 -6.60 50.50 46.47
N CYS D 99 -5.29 50.28 46.53
CA CYS D 99 -4.74 49.24 47.39
C CYS D 99 -4.67 49.75 48.82
N THR D 100 -5.67 49.40 49.62
CA THR D 100 -5.71 49.83 51.00
C THR D 100 -4.59 49.17 51.80
N GLY D 101 -4.23 49.80 52.92
CA GLY D 101 -3.18 49.26 53.76
C GLY D 101 -3.61 48.07 54.57
N ALA D 102 -4.90 47.85 54.73
CA ALA D 102 -5.42 46.75 55.54
C ALA D 102 -5.50 45.45 54.75
N GLY D 103 -4.42 45.12 54.04
CA GLY D 103 -4.36 43.87 53.28
C GLY D 103 -5.11 43.87 51.96
N HIS D 104 -6.37 44.28 51.98
CA HIS D 104 -7.19 44.27 50.78
C HIS D 104 -6.84 45.43 49.86
N CYS D 105 -7.28 45.32 48.60
CA CYS D 105 -7.11 46.37 47.60
C CYS D 105 -8.47 46.70 46.99
N ASN D 106 -9.41 47.10 47.85
CA ASN D 106 -10.79 47.30 47.43
C ASN D 106 -10.87 48.20 46.20
N ILE D 107 -11.73 47.83 45.25
CA ILE D 107 -12.00 48.62 44.06
C ILE D 107 -13.50 48.66 43.85
N SER D 108 -13.95 49.63 43.05
CA SER D 108 -15.37 49.84 42.83
C SER D 108 -15.98 48.71 42.01
N ARG D 109 -17.30 48.57 42.14
CA ARG D 109 -18.02 47.50 41.46
C ARG D 109 -18.57 47.93 40.10
N ALA D 110 -18.89 49.22 39.94
CA ALA D 110 -19.60 49.68 38.75
C ALA D 110 -18.68 49.74 37.54
N LYS D 111 -17.61 50.53 37.62
CA LYS D 111 -16.70 50.65 36.49
C LYS D 111 -16.11 49.31 36.09
N TRP D 112 -15.98 48.38 37.05
CA TRP D 112 -15.52 47.04 36.71
C TRP D 112 -16.53 46.32 35.83
N ASN D 113 -17.82 46.39 36.20
CA ASN D 113 -18.86 45.80 35.36
C ASN D 113 -18.90 46.49 34.00
N ASN D 114 -18.61 47.78 33.94
CA ASN D 114 -18.54 48.47 32.65
C ASN D 114 -17.42 47.90 31.80
N THR D 115 -16.24 47.71 32.41
CA THR D 115 -15.12 47.12 31.68
C THR D 115 -15.48 45.73 31.16
N LEU D 116 -16.12 44.91 32.00
CA LEU D 116 -16.47 43.56 31.58
C LEU D 116 -17.51 43.58 30.45
N LYS D 117 -18.50 44.46 30.56
CA LYS D 117 -19.51 44.56 29.50
C LYS D 117 -18.90 45.02 28.20
N GLN D 118 -17.96 45.97 28.26
CA GLN D 118 -17.30 46.43 27.04
C GLN D 118 -16.46 45.31 26.43
N ILE D 119 -15.73 44.56 27.25
CA ILE D 119 -14.93 43.45 26.75
C ILE D 119 -15.83 42.41 26.09
N ALA D 120 -16.95 42.09 26.73
CA ALA D 120 -17.86 41.09 26.17
C ALA D 120 -18.48 41.59 24.86
N SER D 121 -18.85 42.87 24.80
CA SER D 121 -19.40 43.42 23.57
C SER D 121 -18.38 43.37 22.44
N LYS D 122 -17.11 43.67 22.75
CA LYS D 122 -16.08 43.60 21.73
C LYS D 122 -15.80 42.17 21.30
N LEU D 123 -15.91 41.21 22.21
CA LEU D 123 -15.64 39.82 21.89
C LEU D 123 -16.81 39.15 21.17
N ARG D 124 -18.02 39.67 21.32
CA ARG D 124 -19.15 39.11 20.58
C ARG D 124 -18.92 39.18 19.07
N GLU D 125 -18.42 40.32 18.60
CA GLU D 125 -18.13 40.47 17.17
C GLU D 125 -17.01 39.58 16.69
N GLN D 126 -16.23 38.99 17.60
CA GLN D 126 -15.14 38.09 17.24
C GLN D 126 -15.52 36.62 17.34
N TYR D 127 -16.42 36.26 18.26
CA TYR D 127 -16.88 34.89 18.43
C TYR D 127 -18.38 34.76 18.22
N GLY D 128 -19.01 35.75 17.59
CA GLY D 128 -20.44 35.71 17.34
C GLY D 128 -21.25 36.26 18.50
N ASN D 129 -22.46 36.70 18.17
CA ASN D 129 -23.39 37.25 19.16
C ASN D 129 -23.85 36.12 20.07
N LYS D 130 -23.02 35.81 21.06
CA LYS D 130 -23.30 34.75 22.03
C LYS D 130 -23.08 35.28 23.43
N THR D 131 -23.82 34.70 24.39
CA THR D 131 -23.60 35.03 25.78
C THR D 131 -22.13 34.84 26.14
N ILE D 132 -21.62 35.72 26.99
CA ILE D 132 -20.22 35.69 27.40
C ILE D 132 -20.18 35.59 28.93
N ILE D 133 -19.41 34.62 29.42
CA ILE D 133 -19.25 34.39 30.84
C ILE D 133 -17.80 34.62 31.22
N PHE D 134 -17.58 35.29 32.33
CA PHE D 134 -16.26 35.50 32.91
C PHE D 134 -16.18 34.72 34.22
N LYS D 135 -15.25 33.76 34.29
CA LYS D 135 -15.07 32.93 35.47
C LYS D 135 -13.64 33.09 35.97
N PRO D 136 -13.33 32.59 37.18
CA PRO D 136 -11.97 32.77 37.72
C PRO D 136 -10.98 31.79 37.14
N SER D 137 -9.75 31.80 37.65
CA SER D 137 -8.69 30.96 37.10
C SER D 137 -9.01 29.48 37.29
N SER D 138 -8.43 28.66 36.42
CA SER D 138 -8.59 27.21 36.47
C SER D 138 -7.58 26.52 37.38
N GLY D 139 -6.72 27.29 38.04
CA GLY D 139 -5.70 26.75 38.92
C GLY D 139 -4.30 26.97 38.37
N GLY D 140 -3.33 26.82 39.24
CA GLY D 140 -1.93 26.98 38.88
C GLY D 140 -1.12 27.48 40.04
N ASP D 141 0.17 27.67 39.77
CA ASP D 141 1.09 28.17 40.79
C ASP D 141 0.60 29.52 41.32
N PRO D 142 0.99 29.88 42.55
CA PRO D 142 0.50 31.13 43.13
C PRO D 142 0.88 32.37 42.35
N GLU D 143 1.78 32.26 41.37
CA GLU D 143 2.19 33.42 40.59
C GLU D 143 1.11 33.79 39.57
N PHE D 144 0.45 32.81 38.98
CA PHE D 144 -0.50 33.04 37.91
C PHE D 144 -1.95 32.83 38.31
N VAL D 145 -2.23 31.94 39.28
CA VAL D 145 -3.59 31.79 39.75
C VAL D 145 -4.04 33.03 40.50
N ASN D 146 -3.11 33.72 41.15
CA ASN D 146 -3.37 34.97 41.85
C ASN D 146 -2.69 36.11 41.09
N HIS D 147 -3.37 37.26 41.03
CA HIS D 147 -2.78 38.43 40.39
C HIS D 147 -1.49 38.81 41.12
N SER D 148 -0.35 38.49 40.53
CA SER D 148 0.95 38.76 41.14
C SER D 148 1.56 39.99 40.47
N PHE D 149 2.00 40.94 41.27
CA PHE D 149 2.66 42.14 40.74
C PHE D 149 3.89 42.47 41.57
N ASN D 150 4.91 43.00 40.89
CA ASN D 150 6.20 43.31 41.48
C ASN D 150 6.32 44.82 41.63
N CYS D 151 6.18 45.31 42.87
CA CYS D 151 6.28 46.73 43.17
C CYS D 151 7.35 46.94 44.24
N GLY D 152 8.39 47.69 43.89
CA GLY D 152 9.46 47.98 44.83
C GLY D 152 10.27 46.77 45.23
N GLY D 153 10.51 45.84 44.31
CA GLY D 153 11.29 44.66 44.62
C GLY D 153 10.61 43.69 45.54
N GLU D 154 9.30 43.51 45.39
CA GLU D 154 8.54 42.56 46.21
C GLU D 154 7.33 42.09 45.43
N PHE D 155 7.08 40.78 45.45
CA PHE D 155 5.95 40.20 44.77
C PHE D 155 4.74 40.18 45.70
N PHE D 156 3.62 40.74 45.24
CA PHE D 156 2.37 40.76 45.98
C PHE D 156 1.33 39.98 45.19
N TYR D 157 0.66 39.05 45.86
CA TYR D 157 -0.34 38.20 45.24
C TYR D 157 -1.72 38.61 45.72
N CYS D 158 -2.67 38.68 44.78
CA CYS D 158 -4.05 39.08 45.07
C CYS D 158 -4.98 38.16 44.28
N ASP D 159 -5.61 37.22 44.96
CA ASP D 159 -6.58 36.34 44.30
C ASP D 159 -7.71 37.19 43.71
N SER D 160 -8.13 36.84 42.51
CA SER D 160 -9.11 37.61 41.75
C SER D 160 -10.37 36.80 41.51
N THR D 161 -10.83 36.06 42.52
CA THR D 161 -12.02 35.24 42.36
C THR D 161 -13.25 36.10 42.11
N GLN D 162 -13.46 37.13 42.94
CA GLN D 162 -14.68 37.93 42.83
C GLN D 162 -14.69 38.78 41.56
N LEU D 163 -13.52 39.15 41.05
CA LEU D 163 -13.49 39.97 39.83
C LEU D 163 -14.12 39.21 38.66
N PHE D 164 -13.65 37.99 38.41
CA PHE D 164 -14.08 37.21 37.24
C PHE D 164 -15.25 36.31 37.65
N ASN D 165 -16.47 36.84 37.49
CA ASN D 165 -17.69 36.06 37.69
C ASN D 165 -18.88 36.85 37.18
N SER D 166 -18.96 37.05 35.86
CA SER D 166 -19.93 37.98 35.29
C SER D 166 -20.54 37.42 34.02
N THR D 167 -21.84 37.63 33.86
CA THR D 167 -22.59 37.18 32.69
C THR D 167 -22.97 38.38 31.83
N TRP D 168 -22.93 38.20 30.51
CA TRP D 168 -23.36 39.23 29.57
C TRP D 168 -24.03 38.55 28.38
N PHE D 169 -25.35 38.64 28.31
CA PHE D 169 -26.10 38.05 27.20
C PHE D 169 -25.87 38.82 25.92
N GLN E 1 13.77 10.04 20.73
CA GLN E 1 13.30 8.93 21.59
C GLN E 1 12.44 9.45 22.73
N VAL E 2 11.49 10.33 22.40
CA VAL E 2 10.55 10.80 23.40
C VAL E 2 9.71 9.61 23.88
N GLN E 3 9.26 9.69 25.13
CA GLN E 3 8.62 8.56 25.79
C GLN E 3 7.64 9.04 26.82
N LEU E 4 6.36 8.76 26.60
CA LEU E 4 5.29 9.04 27.54
C LEU E 4 4.73 7.71 28.05
N VAL E 5 4.87 7.47 29.35
CA VAL E 5 4.45 6.22 29.97
C VAL E 5 3.40 6.53 31.01
N GLN E 6 2.20 5.98 30.85
CA GLN E 6 1.09 6.22 31.75
C GLN E 6 0.98 5.12 32.80
N SER E 7 0.08 5.35 33.75
CA SER E 7 -0.19 4.37 34.80
C SER E 7 -1.05 3.24 34.26
N GLY E 8 -1.09 2.14 35.02
CA GLY E 8 -1.85 0.98 34.60
C GLY E 8 -3.34 1.15 34.80
N ALA E 9 -4.11 0.40 34.01
CA ALA E 9 -5.55 0.42 34.12
C ALA E 9 -5.99 0.10 35.55
N GLU E 10 -7.20 0.54 35.90
CA GLU E 10 -7.67 0.29 37.26
C GLU E 10 -9.17 0.52 37.36
N VAL E 11 -9.71 0.16 38.51
CA VAL E 11 -11.13 0.21 38.81
C VAL E 11 -11.37 1.25 39.90
N LYS E 12 -12.53 1.89 39.83
CA LYS E 12 -12.93 2.83 40.88
C LYS E 12 -14.45 2.79 41.01
N LYS E 13 -14.93 2.69 42.25
CA LYS E 13 -16.36 2.63 42.48
C LYS E 13 -17.04 3.88 41.92
N PRO E 14 -18.34 3.78 41.61
CA PRO E 14 -19.04 4.94 41.04
C PRO E 14 -18.97 6.15 41.96
N GLY E 15 -18.43 7.24 41.42
CA GLY E 15 -18.32 8.49 42.16
C GLY E 15 -16.98 8.74 42.81
N ALA E 16 -16.09 7.76 42.83
CA ALA E 16 -14.78 7.89 43.45
C ALA E 16 -13.77 8.41 42.44
N SER E 17 -12.92 9.33 42.88
CA SER E 17 -11.96 9.95 41.98
C SER E 17 -10.91 8.94 41.52
N VAL E 18 -10.23 9.29 40.43
CA VAL E 18 -9.17 8.47 39.87
C VAL E 18 -8.08 9.39 39.34
N LYS E 19 -6.82 9.13 39.73
CA LYS E 19 -5.68 9.91 39.29
C LYS E 19 -4.81 9.04 38.40
N VAL E 20 -4.49 9.54 37.21
CA VAL E 20 -3.68 8.84 36.22
C VAL E 20 -2.41 9.64 35.99
N SER E 21 -1.29 8.94 35.89
CA SER E 21 0.02 9.56 35.74
C SER E 21 0.50 9.45 34.29
N CYS E 22 1.47 10.30 33.95
CA CYS E 22 2.10 10.28 32.63
C CYS E 22 3.53 10.77 32.82
N LYS E 23 4.45 9.84 32.96
CA LYS E 23 5.88 10.15 33.04
C LYS E 23 6.37 10.46 31.64
N ALA E 24 6.95 11.65 31.46
CA ALA E 24 7.45 12.12 30.17
C ALA E 24 8.95 12.24 30.24
N SER E 25 9.64 11.55 29.33
CA SER E 25 11.10 11.60 29.24
C SER E 25 11.51 11.74 27.79
N GLY E 26 12.76 12.15 27.58
CA GLY E 26 13.32 12.30 26.26
C GLY E 26 13.32 13.72 25.73
N TYR E 27 12.68 14.66 26.41
CA TYR E 27 12.65 16.05 25.98
C TYR E 27 12.53 16.94 27.20
N THR E 28 12.61 18.25 26.96
CA THR E 28 12.45 19.23 28.03
C THR E 28 10.98 19.27 28.43
N PHE E 29 10.64 18.61 29.54
CA PHE E 29 9.26 18.51 29.97
C PHE E 29 8.61 19.89 30.09
N THR E 30 9.40 20.92 30.39
CA THR E 30 8.87 22.26 30.62
C THR E 30 8.75 23.08 29.35
N GLY E 31 8.85 22.45 28.18
CA GLY E 31 8.84 23.19 26.92
C GLY E 31 7.57 23.02 26.11
N TYR E 32 6.80 21.97 26.40
CA TYR E 32 5.62 21.63 25.62
C TYR E 32 4.42 21.49 26.55
N TYR E 33 3.31 22.15 26.18
CA TYR E 33 2.05 21.92 26.90
C TYR E 33 1.70 20.44 26.86
N MET E 34 0.98 19.99 27.89
CA MET E 34 0.60 18.59 28.02
C MET E 34 -0.91 18.48 28.00
N ASN E 35 -1.45 17.83 26.96
CA ASN E 35 -2.88 17.63 26.82
C ASN E 35 -3.26 16.21 27.24
N TRP E 36 -4.53 16.04 27.60
CA TRP E 36 -5.07 14.74 27.97
C TRP E 36 -6.31 14.46 27.12
N VAL E 37 -6.30 13.33 26.44
CA VAL E 37 -7.42 12.90 25.61
C VAL E 37 -8.02 11.64 26.22
N ARG E 38 -9.27 11.38 25.88
CA ARG E 38 -9.95 10.17 26.34
C ARG E 38 -10.75 9.58 25.21
N GLN E 39 -10.55 8.29 24.96
CA GLN E 39 -11.29 7.54 23.97
C GLN E 39 -12.22 6.58 24.71
N ALA E 40 -13.52 6.82 24.58
CA ALA E 40 -14.48 5.87 25.08
C ALA E 40 -14.41 4.59 24.24
N PRO E 41 -14.74 3.44 24.81
CA PRO E 41 -14.56 2.18 24.07
C PRO E 41 -15.53 2.05 22.92
N GLY E 42 -15.07 2.41 21.72
CA GLY E 42 -15.91 2.31 20.54
C GLY E 42 -16.82 3.50 20.31
N GLN E 43 -16.44 4.69 20.79
CA GLN E 43 -17.29 5.86 20.65
C GLN E 43 -16.53 7.12 20.27
N GLY E 44 -15.23 7.03 20.02
CA GLY E 44 -14.49 8.13 19.42
C GLY E 44 -13.66 8.90 20.43
N LEU E 45 -12.70 9.66 19.90
CA LEU E 45 -11.81 10.48 20.70
C LEU E 45 -12.49 11.78 21.12
N GLU E 46 -11.97 12.38 22.19
CA GLU E 46 -12.46 13.68 22.64
C GLU E 46 -11.44 14.29 23.58
N TRP E 47 -11.21 15.60 23.41
CA TRP E 47 -10.19 16.32 24.17
C TRP E 47 -10.72 16.70 25.54
N MET E 48 -9.84 16.64 26.54
CA MET E 48 -10.21 16.94 27.92
C MET E 48 -9.64 18.28 28.39
N GLY E 49 -8.33 18.44 28.37
CA GLY E 49 -7.72 19.68 28.82
C GLY E 49 -6.21 19.63 28.66
N TRP E 50 -5.63 20.82 28.59
CA TRP E 50 -4.19 20.96 28.54
C TRP E 50 -3.68 21.69 29.78
N ILE E 51 -2.39 21.50 30.06
CA ILE E 51 -1.71 22.15 31.18
C ILE E 51 -0.39 22.72 30.68
N ASN E 52 -0.04 23.91 31.19
CA ASN E 52 1.26 24.53 30.94
C ASN E 52 2.25 24.06 31.98
N PRO E 53 3.40 23.51 31.59
CA PRO E 53 4.32 22.98 32.62
C PRO E 53 4.97 24.07 33.45
N ASN E 54 5.34 25.20 32.85
CA ASN E 54 6.09 26.22 33.57
C ASN E 54 5.22 26.90 34.63
N SER E 55 4.04 27.39 34.24
CA SER E 55 3.18 28.13 35.14
C SER E 55 2.15 27.25 35.84
N GLY E 56 1.99 26.00 35.43
CA GLY E 56 0.97 25.14 35.99
C GLY E 56 -0.45 25.52 35.62
N GLY E 57 -0.66 26.63 34.93
CA GLY E 57 -2.00 26.99 34.53
C GLY E 57 -2.60 25.96 33.58
N THR E 58 -3.92 25.83 33.63
CA THR E 58 -4.63 24.79 32.93
C THR E 58 -5.72 25.38 32.07
N ASN E 59 -6.24 24.55 31.16
CA ASN E 59 -7.43 24.88 30.37
C ASN E 59 -8.14 23.55 30.12
N TYR E 60 -9.24 23.33 30.85
CA TYR E 60 -10.02 22.11 30.71
C TYR E 60 -11.10 22.29 29.65
N ALA E 61 -11.73 21.19 29.28
CA ALA E 61 -12.86 21.23 28.35
C ALA E 61 -14.13 21.60 29.11
N GLN E 62 -15.12 22.09 28.35
CA GLN E 62 -16.37 22.52 28.98
C GLN E 62 -17.05 21.35 29.69
N LYS E 63 -17.01 20.15 29.10
CA LYS E 63 -17.71 19.01 29.67
C LYS E 63 -17.13 18.53 30.98
N PHE E 64 -15.92 18.99 31.36
CA PHE E 64 -15.24 18.52 32.57
C PHE E 64 -14.88 19.75 33.41
N GLN E 65 -15.87 20.27 34.13
CA GLN E 65 -15.66 21.37 35.08
C GLN E 65 -16.11 20.91 36.45
N GLY E 66 -15.26 21.12 37.46
CA GLY E 66 -15.49 20.60 38.78
C GLY E 66 -15.13 19.13 38.95
N ARG E 67 -14.82 18.43 37.86
CA ARG E 67 -14.43 17.03 37.90
C ARG E 67 -12.99 16.79 37.47
N VAL E 68 -12.48 17.57 36.52
CA VAL E 68 -11.13 17.40 36.02
C VAL E 68 -10.18 18.24 36.85
N THR E 69 -9.00 17.68 37.14
CA THR E 69 -7.99 18.37 37.94
C THR E 69 -6.63 17.93 37.42
N MET E 70 -5.96 18.79 36.68
CA MET E 70 -4.71 18.43 36.01
C MET E 70 -3.54 19.11 36.71
N THR E 71 -2.57 18.29 37.12
CA THR E 71 -1.40 18.73 37.86
C THR E 71 -0.15 18.30 37.11
N ARG E 72 1.00 18.79 37.57
CA ARG E 72 2.27 18.32 37.01
C ARG E 72 3.36 18.48 38.06
N ASP E 73 4.36 17.62 37.97
CA ASP E 73 5.57 17.68 38.80
C ASP E 73 6.76 17.77 37.85
N THR E 74 7.36 18.96 37.77
CA THR E 74 8.50 19.16 36.88
C THR E 74 9.77 18.53 37.43
N SER E 75 9.85 18.32 38.74
CA SER E 75 11.03 17.68 39.32
C SER E 75 11.20 16.27 38.77
N ILE E 76 10.10 15.57 38.50
CA ILE E 76 10.12 14.21 37.98
C ILE E 76 9.53 14.12 36.57
N SER E 77 9.29 15.27 35.93
CA SER E 77 8.81 15.31 34.55
C SER E 77 7.57 14.44 34.37
N THR E 78 6.60 14.64 35.25
CA THR E 78 5.37 13.86 35.23
C THR E 78 4.17 14.79 35.15
N ALA E 79 3.11 14.31 34.50
CA ALA E 79 1.84 15.02 34.40
C ALA E 79 0.73 14.14 34.94
N TYR E 80 -0.10 14.69 35.81
CA TYR E 80 -1.17 13.95 36.46
C TYR E 80 -2.52 14.50 36.01
N MET E 81 -3.49 13.61 35.87
CA MET E 81 -4.87 13.98 35.52
C MET E 81 -5.79 13.24 36.48
N GLU E 82 -6.53 13.98 37.29
CA GLU E 82 -7.49 13.41 38.23
C GLU E 82 -8.90 13.70 37.78
N LEU E 83 -9.79 12.73 37.98
CA LEU E 83 -11.18 12.83 37.57
C LEU E 83 -12.05 12.47 38.78
N SER E 84 -12.83 13.44 39.26
CA SER E 84 -13.71 13.26 40.40
C SER E 84 -15.16 13.13 39.92
N ARG E 85 -16.05 12.87 40.86
CA ARG E 85 -17.46 12.62 40.55
C ARG E 85 -17.57 11.58 39.43
N LEU E 86 -16.90 10.46 39.61
CA LEU E 86 -16.79 9.47 38.56
C LEU E 86 -18.19 8.97 38.16
N ARG E 87 -18.47 9.03 36.86
CA ARG E 87 -19.76 8.65 36.31
C ARG E 87 -19.63 7.35 35.52
N SER E 88 -20.73 6.61 35.45
CA SER E 88 -20.71 5.28 34.84
C SER E 88 -20.29 5.33 33.38
N ASP E 89 -20.54 6.44 32.70
CA ASP E 89 -20.18 6.59 31.30
C ASP E 89 -18.77 7.16 31.11
N ASP E 90 -17.94 7.12 32.15
CA ASP E 90 -16.57 7.61 32.07
C ASP E 90 -15.56 6.47 32.01
N THR E 91 -16.01 5.22 31.85
CA THR E 91 -15.09 4.11 31.68
C THR E 91 -14.49 4.18 30.28
N ALA E 92 -13.17 4.34 30.20
CA ALA E 92 -12.57 4.61 28.90
C ALA E 92 -11.06 4.59 29.00
N VAL E 93 -10.40 4.70 27.84
CA VAL E 93 -8.95 4.80 27.75
C VAL E 93 -8.57 6.28 27.83
N TYR E 94 -7.52 6.58 28.59
CA TYR E 94 -7.06 7.95 28.77
C TYR E 94 -5.61 8.03 28.31
N TYR E 95 -5.34 8.94 27.38
CA TYR E 95 -4.03 9.15 26.82
C TYR E 95 -3.51 10.53 27.22
N CYS E 96 -2.19 10.66 27.29
CA CYS E 96 -1.53 11.95 27.46
C CYS E 96 -0.74 12.25 26.18
N ALA E 97 -1.02 13.40 25.58
CA ALA E 97 -0.39 13.83 24.34
C ALA E 97 0.37 15.13 24.55
N ARG E 98 1.33 15.37 23.67
CA ARG E 98 2.20 16.54 23.79
C ARG E 98 2.00 17.51 22.64
N GLY E 99 2.64 17.23 21.50
CA GLY E 99 2.59 18.13 20.36
C GLY E 99 3.91 18.18 19.62
N LYS E 100 3.85 18.09 18.30
CA LYS E 100 5.08 18.10 17.51
C LYS E 100 5.87 19.37 17.74
N ASN E 101 5.27 20.52 17.44
CA ASN E 101 5.93 21.81 17.56
C ASN E 101 5.77 22.36 18.97
N SER E 102 6.83 22.97 19.49
CA SER E 102 6.74 23.61 20.80
C SER E 102 5.83 24.82 20.77
N ASP E 103 5.72 25.47 19.60
CA ASP E 103 4.85 26.65 19.50
C ASP E 103 3.39 26.26 19.39
N TYR E 104 3.09 25.21 18.61
CA TYR E 104 1.72 24.79 18.36
C TYR E 104 1.37 23.58 19.19
N ASN E 105 0.17 23.60 19.76
CA ASN E 105 -0.41 22.44 20.44
C ASN E 105 -1.16 21.62 19.39
N TRP E 106 -2.04 20.73 19.82
CA TRP E 106 -3.03 20.12 18.93
C TRP E 106 -2.45 19.13 17.93
N ASP E 107 -1.19 19.28 17.52
CA ASP E 107 -0.57 18.32 16.62
C ASP E 107 0.09 17.22 17.45
N PHE E 108 -0.76 16.41 18.08
CA PHE E 108 -0.32 15.38 19.01
C PHE E 108 0.51 14.31 18.30
N GLN E 109 1.82 14.54 18.21
CA GLN E 109 2.69 13.53 17.60
C GLN E 109 2.98 12.39 18.57
N HIS E 110 3.05 12.67 19.87
CA HIS E 110 3.36 11.68 20.88
C HIS E 110 2.14 11.43 21.76
N TRP E 111 1.81 10.17 21.95
CA TRP E 111 0.77 9.75 22.90
C TRP E 111 1.36 8.71 23.84
N GLY E 112 0.79 8.63 25.03
CA GLY E 112 1.08 7.53 25.92
C GLY E 112 0.45 6.25 25.41
N GLN E 113 0.67 5.16 26.14
CA GLN E 113 0.09 3.89 25.75
C GLN E 113 -1.41 3.83 26.05
N GLY E 114 -1.89 4.64 26.97
CA GLY E 114 -3.28 4.64 27.36
C GLY E 114 -3.49 3.96 28.70
N THR E 115 -4.49 4.44 29.44
CA THR E 115 -4.84 3.89 30.74
C THR E 115 -6.33 3.64 30.76
N LEU E 116 -6.73 2.38 30.94
CA LEU E 116 -8.15 2.01 30.96
C LEU E 116 -8.67 2.19 32.38
N VAL E 117 -9.61 3.13 32.54
CA VAL E 117 -10.30 3.35 33.80
C VAL E 117 -11.67 2.73 33.70
N THR E 118 -12.02 1.88 34.67
CA THR E 118 -13.31 1.21 34.70
C THR E 118 -14.06 1.61 35.97
N VAL E 119 -15.31 2.02 35.80
CA VAL E 119 -16.16 2.49 36.88
C VAL E 119 -17.31 1.52 37.00
N SER E 120 -17.30 0.69 38.05
CA SER E 120 -18.32 -0.32 38.23
C SER E 120 -18.59 -0.50 39.71
N SER E 121 -19.81 -0.96 40.03
CA SER E 121 -20.16 -1.24 41.41
C SER E 121 -19.49 -2.54 41.89
N ALA E 122 -19.40 -3.53 41.02
CA ALA E 122 -18.74 -4.77 41.37
C ALA E 122 -17.23 -4.55 41.50
N SER E 123 -16.59 -5.41 42.27
CA SER E 123 -15.17 -5.27 42.56
C SER E 123 -14.34 -6.08 41.58
N THR E 124 -13.03 -6.10 41.81
CA THR E 124 -12.10 -6.76 40.90
C THR E 124 -12.05 -8.26 41.17
N LYS E 125 -11.70 -9.01 40.12
CA LYS E 125 -11.56 -10.46 40.21
C LYS E 125 -10.30 -10.86 39.45
N GLY E 126 -9.45 -11.66 40.08
CA GLY E 126 -8.23 -12.13 39.46
C GLY E 126 -8.49 -13.20 38.42
N PRO E 127 -7.77 -13.15 37.31
CA PRO E 127 -7.99 -14.14 36.25
C PRO E 127 -7.43 -15.50 36.62
N SER E 128 -7.96 -16.52 35.95
CA SER E 128 -7.46 -17.90 36.04
C SER E 128 -6.98 -18.31 34.66
N VAL E 129 -5.71 -18.71 34.56
CA VAL E 129 -5.09 -19.03 33.28
C VAL E 129 -4.92 -20.54 33.18
N PHE E 130 -5.38 -21.11 32.06
CA PHE E 130 -5.27 -22.53 31.80
C PHE E 130 -4.69 -22.77 30.42
N PRO E 131 -3.92 -23.85 30.24
CA PRO E 131 -3.24 -24.04 28.96
C PRO E 131 -4.04 -24.83 27.94
N LEU E 132 -4.18 -24.28 26.74
CA LEU E 132 -4.71 -25.00 25.59
C LEU E 132 -3.51 -25.62 24.87
N ALA E 133 -3.27 -26.90 25.13
CA ALA E 133 -2.05 -27.58 24.71
C ALA E 133 -2.17 -28.11 23.29
N PRO E 134 -1.04 -28.31 22.61
CA PRO E 134 -1.09 -28.90 21.27
C PRO E 134 -1.57 -30.34 21.29
N SER E 135 -2.41 -30.67 20.32
CA SER E 135 -2.85 -32.04 20.10
C SER E 135 -2.61 -32.35 18.62
N SER E 136 -3.36 -33.31 18.08
CA SER E 136 -3.33 -33.56 16.65
C SER E 136 -3.80 -32.32 15.92
N LYS E 137 -2.93 -31.73 15.11
CA LYS E 137 -3.17 -30.42 14.53
C LYS E 137 -2.75 -30.41 13.06
N SER E 138 -3.23 -29.40 12.35
CA SER E 138 -2.88 -29.20 10.95
C SER E 138 -1.40 -28.86 10.79
N GLY E 141 1.41 -26.71 6.86
CA GLY E 141 1.06 -28.11 6.80
C GLY E 141 1.32 -28.83 8.11
N GLY E 142 2.56 -28.74 8.58
CA GLY E 142 2.93 -29.29 9.87
C GLY E 142 2.96 -28.22 10.94
N THR E 143 1.90 -27.43 11.02
CA THR E 143 1.79 -26.34 11.98
C THR E 143 0.88 -26.73 13.12
N ALA E 144 1.35 -26.53 14.34
CA ALA E 144 0.56 -26.74 15.54
C ALA E 144 0.03 -25.41 16.05
N ALA E 145 -1.05 -25.49 16.83
CA ALA E 145 -1.67 -24.32 17.42
C ALA E 145 -1.82 -24.54 18.91
N LEU E 146 -1.36 -23.59 19.71
CA LEU E 146 -1.44 -23.68 21.16
C LEU E 146 -1.95 -22.35 21.71
N GLY E 147 -2.18 -22.29 23.00
CA GLY E 147 -2.62 -21.04 23.58
C GLY E 147 -2.93 -21.15 25.05
N CYS E 148 -3.58 -20.11 25.57
CA CYS E 148 -4.04 -20.09 26.95
C CYS E 148 -5.41 -19.45 27.02
N LEU E 149 -6.25 -20.01 27.91
CA LEU E 149 -7.57 -19.47 28.21
C LEU E 149 -7.51 -18.73 29.53
N VAL E 150 -7.84 -17.44 29.51
CA VAL E 150 -7.88 -16.60 30.69
C VAL E 150 -9.35 -16.37 31.03
N LYS E 151 -9.80 -16.97 32.11
CA LYS E 151 -11.22 -17.05 32.45
C LYS E 151 -11.47 -16.42 33.81
N ASP E 152 -12.69 -15.90 34.00
CA ASP E 152 -13.15 -15.43 35.30
C ASP E 152 -12.27 -14.30 35.83
N TYR E 153 -12.46 -13.13 35.21
CA TYR E 153 -11.77 -11.92 35.65
C TYR E 153 -12.64 -10.72 35.34
N PHE E 154 -12.47 -9.66 36.13
CA PHE E 154 -13.17 -8.41 35.92
C PHE E 154 -12.37 -7.31 36.58
N PRO E 155 -12.24 -6.12 35.96
CA PRO E 155 -12.72 -5.75 34.63
C PRO E 155 -11.65 -5.98 33.56
N GLU E 156 -11.82 -5.36 32.41
CA GLU E 156 -10.79 -5.35 31.39
C GLU E 156 -9.71 -4.34 31.76
N PRO E 157 -8.51 -4.44 31.15
CA PRO E 157 -8.07 -5.44 30.17
C PRO E 157 -7.14 -6.49 30.75
N VAL E 158 -6.81 -7.49 29.94
CA VAL E 158 -5.80 -8.48 30.26
C VAL E 158 -4.75 -8.43 29.15
N THR E 159 -3.51 -8.15 29.52
CA THR E 159 -2.41 -8.08 28.56
C THR E 159 -1.77 -9.46 28.45
N VAL E 160 -1.84 -10.06 27.27
CA VAL E 160 -1.30 -11.39 27.02
C VAL E 160 -0.19 -11.27 26.00
N SER E 161 1.02 -11.68 26.39
CA SER E 161 2.13 -11.79 25.46
C SER E 161 2.66 -13.22 25.47
N TRP E 162 3.59 -13.49 24.55
CA TRP E 162 4.21 -14.80 24.43
C TRP E 162 5.72 -14.66 24.47
N ASN E 163 6.37 -15.47 25.30
CA ASN E 163 7.82 -15.44 25.45
C ASN E 163 8.32 -14.02 25.72
N SER E 164 7.57 -13.30 26.55
CA SER E 164 7.97 -11.96 26.99
C SER E 164 8.08 -10.99 25.82
N GLY E 165 7.19 -11.13 24.86
CA GLY E 165 7.15 -10.24 23.72
C GLY E 165 8.05 -10.61 22.57
N ALA E 166 8.66 -11.80 22.60
CA ALA E 166 9.55 -12.24 21.52
C ALA E 166 8.79 -12.95 20.41
N LEU E 167 7.73 -13.68 20.75
CA LEU E 167 6.91 -14.39 19.78
C LEU E 167 5.66 -13.58 19.52
N THR E 168 5.50 -13.10 18.27
CA THR E 168 4.35 -12.29 17.90
C THR E 168 3.78 -12.59 16.53
N SER E 169 4.56 -13.15 15.60
CA SER E 169 4.07 -13.51 14.28
C SER E 169 3.25 -14.79 14.40
N GLY E 170 1.93 -14.67 14.23
CA GLY E 170 1.03 -15.79 14.41
C GLY E 170 0.20 -15.72 15.67
N VAL E 171 0.43 -14.72 16.52
CA VAL E 171 -0.34 -14.56 17.74
C VAL E 171 -1.70 -13.97 17.41
N HIS E 172 -2.76 -14.60 17.91
CA HIS E 172 -4.12 -14.09 17.79
C HIS E 172 -4.73 -14.05 19.18
N THR E 173 -4.98 -12.86 19.70
CA THR E 173 -5.60 -12.65 21.00
C THR E 173 -7.03 -12.19 20.77
N PHE E 174 -8.00 -12.97 21.25
CA PHE E 174 -9.39 -12.71 20.97
C PHE E 174 -9.97 -11.66 21.92
N PRO E 175 -11.00 -10.93 21.49
CA PRO E 175 -11.69 -10.03 22.42
C PRO E 175 -12.26 -10.79 23.60
N ALA E 176 -12.72 -10.03 24.60
CA ALA E 176 -13.31 -10.62 25.79
C ALA E 176 -14.75 -11.03 25.50
N VAL E 177 -15.16 -12.14 26.11
CA VAL E 177 -16.53 -12.64 26.00
C VAL E 177 -17.14 -12.55 27.40
N LEU E 178 -18.16 -11.70 27.55
CA LEU E 178 -18.78 -11.48 28.85
C LEU E 178 -19.61 -12.69 29.23
N GLN E 179 -19.19 -13.39 30.28
CA GLN E 179 -19.92 -14.55 30.76
C GLN E 179 -21.22 -14.11 31.42
N SER E 180 -22.16 -15.05 31.54
CA SER E 180 -23.44 -14.75 32.16
C SER E 180 -23.29 -14.26 33.60
N SER E 181 -22.19 -14.60 34.26
CA SER E 181 -21.93 -14.18 35.62
C SER E 181 -21.28 -12.80 35.72
N GLY E 182 -21.22 -12.06 34.62
CA GLY E 182 -20.62 -10.75 34.60
C GLY E 182 -19.11 -10.72 34.51
N LEU E 183 -18.46 -11.87 34.51
CA LEU E 183 -17.01 -11.96 34.43
C LEU E 183 -16.58 -12.18 32.98
N TYR E 184 -15.32 -11.84 32.70
CA TYR E 184 -14.77 -11.92 31.36
C TYR E 184 -13.98 -13.22 31.18
N SER E 185 -13.92 -13.67 29.92
CA SER E 185 -13.16 -14.86 29.56
C SER E 185 -12.71 -14.70 28.12
N LEU E 186 -11.40 -14.77 27.90
CA LEU E 186 -10.82 -14.68 26.57
C LEU E 186 -9.80 -15.79 26.39
N SER E 187 -9.25 -15.88 25.18
CA SER E 187 -8.23 -16.86 24.85
C SER E 187 -7.22 -16.23 23.91
N SER E 188 -5.97 -16.64 24.06
CA SER E 188 -4.87 -16.16 23.21
C SER E 188 -4.16 -17.38 22.64
N VAL E 189 -4.11 -17.47 21.31
CA VAL E 189 -3.54 -18.62 20.63
C VAL E 189 -2.39 -18.15 19.74
N VAL E 190 -1.59 -19.13 19.30
CA VAL E 190 -0.46 -18.89 18.42
C VAL E 190 -0.19 -20.16 17.63
N THR E 191 0.19 -19.97 16.37
CA THR E 191 0.50 -21.06 15.45
C THR E 191 2.01 -21.13 15.28
N VAL E 192 2.58 -22.30 15.58
CA VAL E 192 4.01 -22.53 15.52
C VAL E 192 4.27 -23.73 14.63
N PRO E 193 5.50 -24.02 14.22
CA PRO E 193 5.76 -25.25 13.48
C PRO E 193 5.69 -26.46 14.40
N SER E 194 4.92 -27.47 13.97
CA SER E 194 4.81 -28.69 14.76
C SER E 194 6.15 -29.40 14.91
N SER E 195 7.11 -29.11 14.02
CA SER E 195 8.39 -29.79 14.07
C SER E 195 9.14 -29.48 15.35
N SER E 196 9.18 -28.20 15.74
CA SER E 196 10.00 -27.73 16.85
C SER E 196 9.19 -27.61 18.15
N LEU E 197 8.19 -28.46 18.35
CA LEU E 197 7.45 -28.44 19.61
C LEU E 197 8.30 -29.00 20.75
N GLY E 198 9.25 -29.86 20.44
CA GLY E 198 10.10 -30.45 21.45
C GLY E 198 11.41 -29.75 21.72
N THR E 199 11.79 -28.81 20.85
CA THR E 199 13.04 -28.08 21.02
C THR E 199 12.86 -26.71 21.64
N GLN E 200 11.68 -26.11 21.51
CA GLN E 200 11.40 -24.78 22.03
C GLN E 200 10.22 -24.82 22.98
N THR E 201 10.18 -23.84 23.88
CA THR E 201 9.12 -23.70 24.87
C THR E 201 8.37 -22.40 24.64
N TYR E 202 7.07 -22.43 24.92
CA TYR E 202 6.19 -21.27 24.77
C TYR E 202 5.48 -21.00 26.09
N ILE E 203 5.42 -19.72 26.47
CA ILE E 203 4.90 -19.32 27.77
C ILE E 203 3.96 -18.13 27.57
N CYS E 204 2.76 -18.25 28.13
CA CYS E 204 1.87 -17.11 28.22
C CYS E 204 2.34 -16.15 29.31
N ASN E 205 2.23 -14.85 29.04
CA ASN E 205 2.50 -13.81 30.02
C ASN E 205 1.20 -13.03 30.15
N VAL E 206 0.46 -13.31 31.23
CA VAL E 206 -0.85 -12.71 31.47
C VAL E 206 -0.69 -11.66 32.56
N ASN E 207 -1.18 -10.45 32.29
CA ASN E 207 -1.11 -9.34 33.23
C ASN E 207 -2.50 -8.75 33.40
N HIS E 208 -2.93 -8.63 34.66
CA HIS E 208 -4.18 -7.98 35.04
C HIS E 208 -3.80 -6.94 36.10
N LYS E 209 -3.56 -5.71 35.65
CA LYS E 209 -3.16 -4.66 36.59
C LYS E 209 -4.23 -4.34 37.62
N PRO E 210 -5.53 -4.31 37.28
CA PRO E 210 -6.54 -4.04 38.30
C PRO E 210 -6.41 -4.87 39.56
N SER E 211 -5.83 -6.07 39.47
CA SER E 211 -5.61 -6.92 40.63
C SER E 211 -4.13 -7.23 40.86
N ASN E 212 -3.23 -6.59 40.11
CA ASN E 212 -1.80 -6.84 40.23
C ASN E 212 -1.50 -8.34 40.07
N THR E 213 -2.13 -8.96 39.09
CA THR E 213 -2.01 -10.40 38.86
C THR E 213 -1.12 -10.63 37.65
N LYS E 214 0.09 -11.13 37.90
CA LYS E 214 1.03 -11.53 36.86
C LYS E 214 1.15 -13.04 36.86
N VAL E 215 0.97 -13.65 35.70
CA VAL E 215 0.95 -15.11 35.58
C VAL E 215 1.78 -15.52 34.36
N ASP E 216 2.48 -16.66 34.48
CA ASP E 216 3.28 -17.21 33.39
C ASP E 216 3.08 -18.72 33.38
N LYS E 217 2.21 -19.18 32.48
CA LYS E 217 1.96 -20.60 32.29
C LYS E 217 2.67 -21.09 31.03
N ARG E 218 3.27 -22.28 31.11
CA ARG E 218 3.92 -22.91 29.97
C ARG E 218 2.97 -23.89 29.33
N VAL E 219 2.87 -23.84 28.01
CA VAL E 219 1.94 -24.67 27.25
C VAL E 219 2.74 -25.83 26.68
N GLU E 220 2.56 -27.02 27.26
CA GLU E 220 3.28 -28.21 26.84
C GLU E 220 2.34 -29.19 26.15
N PRO E 221 2.82 -29.93 25.14
CA PRO E 221 1.95 -30.90 24.47
C PRO E 221 1.35 -31.91 25.45
N LYS E 222 0.20 -32.45 25.07
CA LYS E 222 -0.50 -33.43 25.90
C LYS E 222 0.13 -34.82 25.79
N ILE F 2 -17.60 24.48 15.05
CA ILE F 2 -17.71 23.94 16.41
C ILE F 2 -17.58 22.42 16.35
N VAL F 3 -18.26 21.79 15.39
CA VAL F 3 -18.23 20.35 15.20
C VAL F 3 -17.84 20.06 13.76
N MET F 4 -17.18 18.91 13.56
CA MET F 4 -16.76 18.48 12.23
C MET F 4 -16.99 16.99 12.10
N SER F 5 -17.36 16.57 10.90
CA SER F 5 -17.77 15.19 10.64
C SER F 5 -16.93 14.57 9.53
N GLN F 6 -16.62 13.29 9.69
CA GLN F 6 -15.88 12.54 8.69
C GLN F 6 -16.82 11.65 7.89
N SER F 7 -16.47 11.42 6.62
CA SER F 7 -17.27 10.59 5.74
C SER F 7 -16.36 9.86 4.77
N PRO F 8 -16.59 8.56 4.54
CA PRO F 8 -17.61 7.70 5.16
C PRO F 8 -17.16 7.12 6.49
N SER F 9 -18.11 6.56 7.25
CA SER F 9 -17.75 5.92 8.52
C SER F 9 -17.01 4.60 8.26
N SER F 10 -17.69 3.64 7.65
CA SER F 10 -17.09 2.38 7.25
C SER F 10 -16.69 2.44 5.78
N LEU F 11 -15.72 1.62 5.41
CA LEU F 11 -15.18 1.65 4.06
C LEU F 11 -14.30 0.43 3.79
N ALA F 12 -14.78 -0.47 2.95
CA ALA F 12 -14.06 -1.69 2.60
C ALA F 12 -13.57 -1.59 1.17
N VAL F 13 -12.24 -1.69 0.98
CA VAL F 13 -11.62 -1.63 -0.34
C VAL F 13 -10.62 -2.77 -0.45
N SER F 14 -10.05 -2.91 -1.64
CA SER F 14 -9.06 -3.94 -1.92
C SER F 14 -7.65 -3.35 -1.93
N VAL F 15 -6.67 -4.25 -1.92
CA VAL F 15 -5.27 -3.82 -1.94
C VAL F 15 -4.97 -3.18 -3.28
N GLY F 16 -4.36 -2.00 -3.25
CA GLY F 16 -4.08 -1.23 -4.44
C GLY F 16 -5.18 -0.26 -4.84
N GLU F 17 -6.41 -0.49 -4.40
CA GLU F 17 -7.50 0.42 -4.69
C GLU F 17 -7.23 1.78 -4.08
N LYS F 18 -7.76 2.82 -4.72
CA LYS F 18 -7.58 4.20 -4.25
C LYS F 18 -8.69 4.56 -3.26
N VAL F 19 -8.29 5.11 -2.12
CA VAL F 19 -9.23 5.48 -1.07
C VAL F 19 -9.16 6.99 -0.86
N THR F 20 -10.33 7.61 -0.69
CA THR F 20 -10.45 9.06 -0.51
C THR F 20 -11.53 9.31 0.53
N MET F 21 -11.13 9.88 1.67
CA MET F 21 -12.05 10.18 2.75
C MET F 21 -12.06 11.69 3.01
N SER F 22 -13.22 12.19 3.45
CA SER F 22 -13.43 13.62 3.60
C SER F 22 -13.72 13.97 5.05
N CYS F 23 -13.24 15.16 5.44
CA CYS F 23 -13.47 15.73 6.76
C CYS F 23 -14.08 17.11 6.54
N LYS F 24 -15.37 17.25 6.84
CA LYS F 24 -16.11 18.48 6.60
C LYS F 24 -16.32 19.19 7.94
N SER F 25 -15.85 20.43 8.02
CA SER F 25 -16.02 21.24 9.22
C SER F 25 -17.30 22.07 9.12
N SER F 26 -17.90 22.35 10.26
CA SER F 26 -19.13 23.12 10.30
C SER F 26 -18.84 24.60 10.18
N LYS F 36 -5.37 30.07 9.93
CA LYS F 36 -5.07 29.22 8.78
C LYS F 36 -5.68 27.84 8.96
N ASN F 37 -5.53 26.98 7.94
CA ASN F 37 -6.08 25.64 7.99
C ASN F 37 -5.09 24.72 8.71
N TYR F 38 -5.18 24.71 10.04
CA TYR F 38 -4.32 23.85 10.87
C TYR F 38 -5.08 22.56 11.16
N LEU F 39 -5.04 21.65 10.19
CA LEU F 39 -5.69 20.35 10.29
C LEU F 39 -4.64 19.25 10.36
N ALA F 40 -5.01 18.13 10.97
CA ALA F 40 -4.13 16.98 11.08
C ALA F 40 -4.94 15.70 10.96
N TRP F 41 -4.26 14.63 10.56
CA TRP F 41 -4.86 13.32 10.39
C TRP F 41 -4.13 12.28 11.25
N TYR F 42 -4.91 11.43 11.91
CA TYR F 42 -4.38 10.39 12.79
C TYR F 42 -4.83 9.02 12.30
N GLN F 43 -3.93 8.05 12.40
CA GLN F 43 -4.19 6.65 12.04
C GLN F 43 -4.08 5.81 13.31
N GLN F 44 -5.19 5.23 13.75
CA GLN F 44 -5.22 4.36 14.91
C GLN F 44 -5.45 2.93 14.42
N LYS F 45 -4.41 2.10 14.51
CA LYS F 45 -4.51 0.70 14.16
C LYS F 45 -5.06 -0.08 15.35
N PRO F 46 -5.60 -1.28 15.10
CA PRO F 46 -6.22 -2.04 16.20
C PRO F 46 -5.24 -2.28 17.34
N GLY F 47 -5.63 -1.85 18.53
CA GLY F 47 -4.83 -2.08 19.72
C GLY F 47 -3.68 -1.13 19.92
N GLN F 48 -3.68 0.01 19.24
CA GLN F 48 -2.61 0.98 19.35
C GLN F 48 -3.21 2.37 19.53
N SER F 49 -2.37 3.32 19.93
CA SER F 49 -2.77 4.71 20.07
C SER F 49 -2.71 5.41 18.73
N PRO F 50 -3.30 6.59 18.61
CA PRO F 50 -3.27 7.30 17.34
C PRO F 50 -1.85 7.60 16.88
N LYS F 51 -1.70 7.78 15.57
CA LYS F 51 -0.42 8.09 14.96
C LYS F 51 -0.60 9.27 14.02
N LEU F 52 0.20 10.32 14.21
CA LEU F 52 0.08 11.54 13.42
C LEU F 52 0.57 11.27 11.99
N LEU F 53 -0.29 11.54 11.01
CA LEU F 53 0.06 11.38 9.60
C LEU F 53 0.32 12.73 8.95
N ILE F 54 -0.74 13.50 8.73
CA ILE F 54 -0.65 14.85 8.20
C ILE F 54 -0.83 15.81 9.37
N TYR F 55 0.00 16.87 9.42
CA TYR F 55 -0.01 17.76 10.56
C TYR F 55 -0.19 19.24 10.21
N TRP F 56 -0.40 19.58 8.95
CA TRP F 56 -0.70 20.95 8.56
C TRP F 56 -1.53 20.91 7.27
N ALA F 57 -2.67 20.24 7.35
CA ALA F 57 -3.59 20.12 6.22
C ALA F 57 -3.03 19.20 5.13
N SER F 58 -1.80 19.48 4.67
CA SER F 58 -1.24 18.73 3.56
C SER F 58 0.28 18.61 3.71
N THR F 59 0.75 18.39 4.93
CA THR F 59 2.17 18.20 5.20
C THR F 59 2.39 16.81 5.80
N ARG F 60 3.35 16.09 5.25
CA ARG F 60 3.60 14.71 5.64
C ARG F 60 4.42 14.64 6.93
N GLU F 61 4.03 13.73 7.82
CA GLU F 61 4.80 13.49 9.03
C GLU F 61 6.04 12.67 8.69
N SER F 62 7.08 12.85 9.52
CA SER F 62 8.34 12.15 9.28
C SER F 62 8.14 10.64 9.32
N GLY F 63 8.64 9.96 8.29
CA GLY F 63 8.57 8.52 8.22
C GLY F 63 7.31 7.96 7.62
N VAL F 64 6.34 8.80 7.30
CA VAL F 64 5.08 8.32 6.70
C VAL F 64 5.29 8.11 5.20
N PRO F 65 4.84 7.00 4.63
CA PRO F 65 5.02 6.78 3.19
C PRO F 65 4.24 7.81 2.38
N ASP F 66 4.61 7.90 1.10
CA ASP F 66 4.06 8.92 0.21
C ASP F 66 2.64 8.61 -0.23
N ARG F 67 2.15 7.39 -0.01
CA ARG F 67 0.78 7.06 -0.41
C ARG F 67 -0.22 8.02 0.20
N PHE F 68 -0.05 8.33 1.49
CA PHE F 68 -0.98 9.20 2.19
C PHE F 68 -0.73 10.65 1.81
N THR F 69 -1.79 11.33 1.37
CA THR F 69 -1.70 12.75 1.03
C THR F 69 -2.95 13.47 1.50
N GLY F 70 -2.75 14.59 2.20
CA GLY F 70 -3.85 15.44 2.63
C GLY F 70 -3.95 16.67 1.73
N SER F 71 -5.16 17.19 1.61
CA SER F 71 -5.39 18.37 0.78
C SER F 71 -6.70 19.02 1.18
N GLY F 72 -6.97 20.17 0.58
CA GLY F 72 -8.20 20.90 0.83
C GLY F 72 -7.94 22.15 1.66
N SER F 73 -8.85 23.11 1.51
CA SER F 73 -8.77 24.38 2.22
C SER F 73 -10.18 24.84 2.57
N GLY F 74 -10.27 25.66 3.60
CA GLY F 74 -11.55 26.22 4.04
C GLY F 74 -12.17 25.35 5.14
N THR F 75 -13.34 24.77 4.84
CA THR F 75 -14.06 23.94 5.79
C THR F 75 -14.11 22.47 5.37
N ASP F 76 -13.54 22.13 4.22
CA ASP F 76 -13.56 20.76 3.72
C ASP F 76 -12.12 20.32 3.44
N PHE F 77 -11.77 19.13 3.91
CA PHE F 77 -10.43 18.59 3.72
C PHE F 77 -10.56 17.13 3.31
N THR F 78 -9.47 16.59 2.75
CA THR F 78 -9.50 15.25 2.18
C THR F 78 -8.18 14.54 2.45
N LEU F 79 -8.28 13.24 2.75
CA LEU F 79 -7.13 12.35 2.89
C LEU F 79 -7.24 11.26 1.84
N THR F 80 -6.13 11.00 1.14
CA THR F 80 -6.14 10.07 0.02
C THR F 80 -4.99 9.08 0.18
N ILE F 81 -5.33 7.79 0.06
CA ILE F 81 -4.35 6.71 -0.03
C ILE F 81 -4.39 6.19 -1.46
N SER F 82 -3.26 6.27 -2.15
CA SER F 82 -3.20 5.87 -3.55
C SER F 82 -3.23 4.35 -3.70
N SER F 83 -2.20 3.68 -3.19
CA SER F 83 -2.07 2.23 -3.30
C SER F 83 -2.27 1.62 -1.92
N VAL F 84 -3.53 1.40 -1.55
CA VAL F 84 -3.84 0.85 -0.24
C VAL F 84 -3.09 -0.46 -0.04
N LYS F 85 -2.72 -0.73 1.21
CA LYS F 85 -2.03 -1.95 1.59
C LYS F 85 -2.73 -2.54 2.80
N ALA F 86 -2.52 -3.85 2.99
CA ALA F 86 -3.19 -4.55 4.08
C ALA F 86 -2.89 -3.90 5.42
N GLU F 87 -1.66 -3.40 5.60
CA GLU F 87 -1.28 -2.79 6.86
C GLU F 87 -2.02 -1.48 7.12
N ASP F 88 -2.50 -0.82 6.08
CA ASP F 88 -3.24 0.44 6.25
C ASP F 88 -4.55 0.25 6.99
N LEU F 89 -4.97 -0.99 7.25
CA LEU F 89 -6.19 -1.26 8.00
C LEU F 89 -6.17 -0.55 9.34
N ALA F 90 -7.17 0.30 9.58
CA ALA F 90 -7.23 1.09 10.79
C ALA F 90 -8.40 2.06 10.76
N VAL F 91 -8.53 2.90 11.80
CA VAL F 91 -9.48 3.99 11.81
C VAL F 91 -8.70 5.29 11.61
N TYR F 92 -9.29 6.22 10.87
CA TYR F 92 -8.66 7.49 10.56
C TYR F 92 -9.49 8.63 11.12
N TYR F 93 -8.83 9.55 11.82
CA TYR F 93 -9.48 10.70 12.43
C TYR F 93 -8.88 11.98 11.88
N CYS F 94 -9.70 13.02 11.78
CA CYS F 94 -9.23 14.35 11.46
C CYS F 94 -9.40 15.25 12.69
N GLN F 95 -8.47 16.19 12.83
CA GLN F 95 -8.43 17.04 14.01
C GLN F 95 -8.12 18.48 13.60
N GLN F 96 -8.88 19.41 14.16
CA GLN F 96 -8.56 20.84 14.08
C GLN F 96 -8.78 21.40 15.49
N TYR F 97 -7.69 21.80 16.14
CA TYR F 97 -7.71 22.32 17.51
C TYR F 97 -8.16 21.19 18.42
N GLU F 98 -9.26 21.32 19.16
CA GLU F 98 -9.65 20.32 20.15
C GLU F 98 -10.69 19.33 19.64
N MET F 99 -11.25 19.55 18.46
CA MET F 99 -12.33 18.72 17.96
C MET F 99 -11.76 17.58 17.12
N PHE F 100 -12.34 16.39 17.30
CA PHE F 100 -11.93 15.19 16.60
C PHE F 100 -13.08 14.70 15.73
N GLY F 101 -12.74 14.24 14.52
CA GLY F 101 -13.74 13.69 13.63
C GLY F 101 -14.43 12.48 14.22
N GLY F 102 -15.45 12.01 13.50
CA GLY F 102 -16.20 10.86 13.98
C GLY F 102 -15.41 9.57 13.88
N GLY F 103 -14.62 9.42 12.81
CA GLY F 103 -13.80 8.22 12.63
C GLY F 103 -14.22 7.48 11.39
N THR F 104 -13.24 7.22 10.52
CA THR F 104 -13.44 6.49 9.27
C THR F 104 -12.70 5.16 9.39
N LYS F 105 -13.45 4.07 9.53
CA LYS F 105 -12.85 2.74 9.60
C LYS F 105 -12.60 2.21 8.19
N LEU F 106 -11.40 1.72 7.95
CA LEU F 106 -11.00 1.18 6.65
C LEU F 106 -10.86 -0.32 6.76
N GLU F 107 -11.64 -1.06 5.98
CA GLU F 107 -11.60 -2.51 5.94
C GLU F 107 -11.01 -2.96 4.61
N ILE F 108 -10.63 -4.24 4.55
CA ILE F 108 -9.91 -4.78 3.41
C ILE F 108 -10.75 -5.86 2.74
N LYS F 109 -10.61 -5.95 1.43
CA LYS F 109 -11.21 -7.04 0.64
C LYS F 109 -10.15 -8.07 0.33
N ARG F 110 -10.53 -9.34 0.39
CA ARG F 110 -9.60 -10.44 0.20
C ARG F 110 -10.34 -11.63 -0.42
N THR F 111 -9.60 -12.43 -1.18
CA THR F 111 -10.14 -13.68 -1.69
C THR F 111 -10.65 -14.53 -0.52
N VAL F 112 -11.56 -15.46 -0.84
CA VAL F 112 -12.11 -16.33 0.19
C VAL F 112 -11.02 -17.24 0.73
N ALA F 113 -11.07 -17.51 2.04
CA ALA F 113 -10.10 -18.37 2.70
C ALA F 113 -10.85 -19.27 3.68
N ALA F 114 -10.78 -20.58 3.47
CA ALA F 114 -11.49 -21.50 4.34
C ALA F 114 -10.81 -21.56 5.71
N PRO F 115 -11.59 -21.71 6.78
CA PRO F 115 -10.99 -21.73 8.12
C PRO F 115 -10.19 -23.00 8.37
N SER F 116 -9.20 -22.89 9.24
CA SER F 116 -8.51 -24.04 9.81
C SER F 116 -9.13 -24.34 11.16
N VAL F 117 -9.67 -25.54 11.33
CA VAL F 117 -10.45 -25.89 12.51
C VAL F 117 -9.56 -26.67 13.47
N PHE F 118 -9.50 -26.23 14.71
CA PHE F 118 -8.77 -26.90 15.77
C PHE F 118 -9.68 -27.00 16.99
N ILE F 119 -9.35 -27.92 17.90
CA ILE F 119 -10.16 -28.11 19.10
C ILE F 119 -9.24 -28.49 20.25
N PHE F 120 -9.40 -27.79 21.37
CA PHE F 120 -8.62 -28.02 22.57
C PHE F 120 -9.52 -28.54 23.67
N PRO F 121 -9.22 -29.70 24.26
CA PRO F 121 -10.03 -30.20 25.37
C PRO F 121 -9.74 -29.44 26.65
N PRO F 122 -10.43 -29.76 27.74
CA PRO F 122 -10.19 -29.04 28.99
C PRO F 122 -8.82 -29.38 29.58
N SER F 123 -8.23 -28.38 30.23
CA SER F 123 -6.98 -28.61 30.95
C SER F 123 -7.26 -29.37 32.23
N ASP F 124 -6.44 -30.39 32.49
CA ASP F 124 -6.58 -31.14 33.75
C ASP F 124 -6.48 -30.22 34.94
N GLU F 125 -5.70 -29.14 34.84
CA GLU F 125 -5.66 -28.14 35.90
C GLU F 125 -7.05 -27.54 36.12
N GLN F 126 -7.75 -27.20 35.03
CA GLN F 126 -9.10 -26.67 35.16
C GLN F 126 -10.06 -27.73 35.66
N LEU F 127 -9.91 -28.98 35.18
CA LEU F 127 -10.85 -30.03 35.56
C LEU F 127 -10.87 -30.25 37.06
N LYS F 128 -9.74 -30.03 37.75
CA LYS F 128 -9.72 -30.19 39.19
C LYS F 128 -10.40 -29.04 39.93
N SER F 129 -10.59 -27.90 39.27
CA SER F 129 -11.25 -26.78 39.93
C SER F 129 -12.76 -26.98 39.97
N GLY F 130 -13.36 -27.54 38.92
CA GLY F 130 -14.78 -27.80 38.91
C GLY F 130 -15.41 -27.70 37.54
N THR F 131 -14.95 -26.75 36.74
CA THR F 131 -15.51 -26.50 35.41
C THR F 131 -14.68 -27.20 34.34
N ALA F 132 -15.22 -27.23 33.13
CA ALA F 132 -14.54 -27.86 32.00
C ALA F 132 -14.95 -27.12 30.74
N SER F 133 -14.04 -26.33 30.19
CA SER F 133 -14.32 -25.50 29.01
C SER F 133 -13.53 -26.04 27.82
N VAL F 134 -14.23 -26.57 26.83
CA VAL F 134 -13.63 -27.00 25.58
C VAL F 134 -13.56 -25.78 24.66
N VAL F 135 -12.54 -25.73 23.82
CA VAL F 135 -12.33 -24.60 22.92
C VAL F 135 -12.32 -25.11 21.49
N CYS F 136 -12.97 -24.37 20.59
CA CYS F 136 -12.90 -24.61 19.15
C CYS F 136 -12.36 -23.36 18.49
N LEU F 137 -11.37 -23.53 17.62
CA LEU F 137 -10.63 -22.42 17.04
C LEU F 137 -10.73 -22.48 15.53
N LEU F 138 -11.44 -21.52 14.95
CA LEU F 138 -11.41 -21.26 13.51
C LEU F 138 -10.31 -20.25 13.26
N ASN F 139 -9.30 -20.64 12.49
CA ASN F 139 -8.13 -19.81 12.28
C ASN F 139 -8.04 -19.36 10.83
N ASN F 140 -7.74 -18.07 10.66
CA ASN F 140 -7.45 -17.47 9.35
C ASN F 140 -8.49 -17.86 8.31
N PHE F 141 -9.66 -17.24 8.38
CA PHE F 141 -10.72 -17.45 7.41
C PHE F 141 -11.27 -16.11 6.96
N TYR F 142 -11.75 -16.09 5.71
CA TYR F 142 -12.36 -14.89 5.14
C TYR F 142 -13.47 -15.39 4.20
N PRO F 143 -14.63 -14.71 4.16
CA PRO F 143 -15.02 -13.52 4.93
C PRO F 143 -15.33 -13.78 6.40
N ARG F 144 -16.00 -12.82 7.04
CA ARG F 144 -16.21 -12.85 8.49
C ARG F 144 -17.33 -13.77 8.93
N GLU F 145 -18.21 -14.18 8.01
CA GLU F 145 -19.38 -14.97 8.38
C GLU F 145 -19.01 -16.44 8.49
N ALA F 146 -19.29 -17.04 9.64
CA ALA F 146 -19.02 -18.44 9.89
C ALA F 146 -19.89 -18.92 11.04
N LYS F 147 -20.42 -20.13 10.93
CA LYS F 147 -21.28 -20.72 11.93
C LYS F 147 -20.54 -21.84 12.65
N VAL F 148 -20.63 -21.86 13.98
CA VAL F 148 -19.98 -22.86 14.81
C VAL F 148 -21.05 -23.52 15.67
N GLN F 149 -21.16 -24.84 15.57
CA GLN F 149 -22.11 -25.62 16.37
C GLN F 149 -21.35 -26.64 17.21
N TRP F 150 -21.80 -26.83 18.45
CA TRP F 150 -21.21 -27.79 19.36
C TRP F 150 -22.12 -29.02 19.46
N LYS F 151 -21.51 -30.19 19.54
CA LYS F 151 -22.26 -31.43 19.71
C LYS F 151 -21.53 -32.35 20.67
N VAL F 152 -22.18 -32.68 21.78
CA VAL F 152 -21.66 -33.61 22.78
C VAL F 152 -22.50 -34.88 22.69
N ASP F 153 -21.86 -35.98 22.30
CA ASP F 153 -22.56 -37.24 22.04
C ASP F 153 -23.65 -37.04 20.99
N ASN F 154 -23.38 -36.19 20.01
CA ASN F 154 -24.23 -36.00 18.84
C ASN F 154 -25.59 -35.42 19.22
N ALA F 155 -25.60 -34.52 20.19
CA ALA F 155 -26.79 -33.74 20.54
C ALA F 155 -26.43 -32.26 20.41
N LEU F 156 -27.13 -31.56 19.52
CA LEU F 156 -26.87 -30.14 19.33
C LEU F 156 -27.03 -29.38 20.65
N GLN F 157 -26.05 -28.55 20.96
CA GLN F 157 -26.00 -27.83 22.22
C GLN F 157 -26.50 -26.39 22.05
N SER F 158 -26.81 -25.76 23.17
CA SER F 158 -27.23 -24.36 23.18
C SER F 158 -27.07 -23.80 24.58
N GLY F 159 -26.84 -22.50 24.65
CA GLY F 159 -26.78 -21.80 25.92
C GLY F 159 -25.49 -21.99 26.71
N ASN F 160 -24.63 -22.92 26.30
CA ASN F 160 -23.41 -23.22 27.05
C ASN F 160 -22.14 -22.82 26.31
N SER F 161 -22.27 -22.07 25.20
CA SER F 161 -21.13 -21.71 24.38
C SER F 161 -21.15 -20.23 24.08
N GLN F 162 -19.94 -19.64 24.01
CA GLN F 162 -19.77 -18.24 23.68
C GLN F 162 -18.60 -18.10 22.72
N GLU F 163 -18.76 -17.27 21.68
CA GLU F 163 -17.72 -17.12 20.67
C GLU F 163 -17.26 -15.67 20.58
N SER F 164 -16.05 -15.50 20.06
CA SER F 164 -15.43 -14.20 19.88
C SER F 164 -14.63 -14.18 18.59
N VAL F 165 -14.76 -13.10 17.82
CA VAL F 165 -14.07 -12.93 16.55
C VAL F 165 -12.99 -11.87 16.74
N THR F 166 -11.85 -12.07 16.08
CA THR F 166 -10.76 -11.11 16.15
C THR F 166 -11.01 -9.98 15.16
N GLU F 167 -10.28 -8.89 15.36
CA GLU F 167 -10.21 -7.83 14.36
C GLU F 167 -9.44 -8.35 13.15
N GLN F 168 -9.77 -7.81 11.98
CA GLN F 168 -9.12 -8.21 10.75
C GLN F 168 -7.60 -8.10 10.89
N ASP F 169 -6.91 -9.21 10.62
CA ASP F 169 -5.46 -9.23 10.75
C ASP F 169 -4.84 -8.17 9.84
N SER F 170 -3.81 -7.50 10.36
CA SER F 170 -3.20 -6.39 9.63
C SER F 170 -2.34 -6.86 8.46
N LYS F 171 -1.88 -8.11 8.46
CA LYS F 171 -0.98 -8.59 7.42
C LYS F 171 -1.75 -9.27 6.28
N ASP F 172 -2.45 -10.36 6.58
CA ASP F 172 -3.18 -11.12 5.57
C ASP F 172 -4.67 -10.79 5.52
N SER F 173 -5.13 -9.82 6.31
CA SER F 173 -6.47 -9.26 6.17
C SER F 173 -7.56 -10.30 6.37
N THR F 174 -7.35 -11.21 7.32
CA THR F 174 -8.31 -12.28 7.60
C THR F 174 -8.65 -12.28 9.08
N TYR F 175 -9.74 -12.98 9.40
CA TYR F 175 -10.26 -13.05 10.76
C TYR F 175 -9.91 -14.38 11.40
N SER F 176 -10.25 -14.49 12.69
CA SER F 176 -10.08 -15.72 13.45
C SER F 176 -11.08 -15.71 14.58
N LEU F 177 -11.81 -16.82 14.74
CA LEU F 177 -12.88 -16.93 15.71
C LEU F 177 -12.59 -18.07 16.68
N SER F 178 -13.06 -17.91 17.92
CA SER F 178 -12.92 -18.96 18.91
C SER F 178 -14.22 -19.09 19.69
N SER F 179 -14.71 -20.32 19.82
CA SER F 179 -15.94 -20.61 20.56
C SER F 179 -15.59 -21.51 21.74
N THR F 180 -15.88 -21.04 22.95
CA THR F 180 -15.65 -21.81 24.16
C THR F 180 -16.99 -22.36 24.67
N LEU F 181 -17.04 -23.67 24.86
CA LEU F 181 -18.20 -24.36 25.41
C LEU F 181 -17.88 -24.81 26.82
N THR F 182 -18.63 -24.30 27.79
CA THR F 182 -18.36 -24.56 29.20
C THR F 182 -19.37 -25.57 29.74
N LEU F 183 -18.87 -26.56 30.49
CA LEU F 183 -19.70 -27.58 31.11
C LEU F 183 -19.19 -27.80 32.53
N SER F 184 -19.95 -28.57 33.29
CA SER F 184 -19.52 -28.99 34.62
C SER F 184 -18.71 -30.27 34.50
N LYS F 185 -17.78 -30.46 35.45
CA LYS F 185 -16.99 -31.68 35.48
C LYS F 185 -17.88 -32.92 35.41
N ALA F 186 -18.92 -32.94 36.24
CA ALA F 186 -19.87 -34.05 36.21
C ALA F 186 -20.53 -34.16 34.84
N ASP F 187 -21.17 -33.08 34.39
CA ASP F 187 -21.83 -33.10 33.10
C ASP F 187 -20.84 -33.37 31.97
N TYR F 188 -19.57 -33.03 32.17
CA TYR F 188 -18.56 -33.29 31.15
C TYR F 188 -18.21 -34.77 31.08
N GLU F 189 -18.17 -35.44 32.24
CA GLU F 189 -17.81 -36.85 32.27
C GLU F 189 -18.96 -37.76 31.85
N LYS F 190 -20.20 -37.26 31.82
CA LYS F 190 -21.33 -38.05 31.37
C LYS F 190 -21.34 -38.27 29.87
N HIS F 191 -20.39 -37.67 29.13
CA HIS F 191 -20.34 -37.79 27.67
C HIS F 191 -18.88 -37.96 27.27
N LYS F 192 -18.66 -38.76 26.22
CA LYS F 192 -17.29 -39.04 25.79
C LYS F 192 -16.88 -38.29 24.53
N VAL F 193 -17.77 -38.15 23.54
CA VAL F 193 -17.44 -37.47 22.29
C VAL F 193 -17.79 -35.99 22.41
N TYR F 194 -16.92 -35.15 21.87
CA TYR F 194 -17.14 -33.71 21.82
C TYR F 194 -16.67 -33.22 20.47
N ALA F 195 -17.58 -32.62 19.69
CA ALA F 195 -17.33 -32.27 18.30
C ALA F 195 -17.71 -30.84 18.03
N CYS F 196 -16.91 -30.17 17.19
CA CYS F 196 -17.15 -28.81 16.73
C CYS F 196 -17.40 -28.85 15.24
N GLU F 197 -18.58 -28.43 14.82
CA GLU F 197 -18.97 -28.37 13.41
C GLU F 197 -18.90 -26.92 12.94
N VAL F 198 -18.41 -26.73 11.72
CA VAL F 198 -18.11 -25.42 11.17
C VAL F 198 -18.77 -25.30 9.79
N THR F 199 -19.40 -24.16 9.55
CA THR F 199 -19.99 -23.83 8.26
C THR F 199 -19.40 -22.50 7.79
N HIS F 200 -18.79 -22.52 6.60
CA HIS F 200 -18.16 -21.34 6.02
C HIS F 200 -18.34 -21.38 4.52
N GLN F 201 -18.16 -20.21 3.88
CA GLN F 201 -18.36 -20.12 2.44
C GLN F 201 -17.43 -21.06 1.69
N GLY F 202 -16.15 -21.09 2.08
CA GLY F 202 -15.18 -21.90 1.40
C GLY F 202 -15.13 -23.34 1.87
N LEU F 203 -16.28 -23.87 2.27
CA LEU F 203 -16.40 -25.25 2.73
C LEU F 203 -17.71 -25.81 2.20
N SER F 204 -17.65 -26.57 1.11
CA SER F 204 -18.86 -27.15 0.53
C SER F 204 -19.64 -27.92 1.58
N SER F 205 -18.94 -28.79 2.33
CA SER F 205 -19.55 -29.53 3.42
C SER F 205 -18.98 -29.05 4.75
N PRO F 206 -19.82 -28.87 5.78
CA PRO F 206 -19.30 -28.39 7.06
C PRO F 206 -18.15 -29.25 7.57
N VAL F 207 -17.16 -28.60 8.16
CA VAL F 207 -16.04 -29.32 8.77
C VAL F 207 -16.48 -29.80 10.15
N THR F 208 -15.88 -30.90 10.61
CA THR F 208 -16.21 -31.46 11.92
C THR F 208 -14.92 -31.93 12.57
N LYS F 209 -14.38 -31.11 13.48
CA LYS F 209 -13.20 -31.50 14.24
C LYS F 209 -13.67 -31.92 15.63
N SER F 210 -13.38 -33.16 16.01
CA SER F 210 -13.93 -33.73 17.23
C SER F 210 -12.86 -34.55 17.93
N PHE F 211 -13.11 -34.82 19.21
CA PHE F 211 -12.29 -35.73 19.99
C PHE F 211 -13.20 -36.54 20.91
N ASN F 212 -12.60 -37.49 21.60
CA ASN F 212 -13.34 -38.30 22.56
C ASN F 212 -12.46 -38.54 23.78
N ARG F 213 -13.03 -38.35 24.97
CA ARG F 213 -12.28 -38.54 26.21
C ARG F 213 -11.68 -39.93 26.28
#